data_7DVD
#
_entry.id   7DVD
#
_cell.length_a   68.612
_cell.length_b   73.411
_cell.length_c   84.408
_cell.angle_alpha   89.939
_cell.angle_beta   89.823
_cell.angle_gamma   89.996
#
_symmetry.space_group_name_H-M   'P 1'
#
loop_
_entity.id
_entity.type
_entity.pdbx_description
1 polymer 'Cellular tumor antigen p53'
2 polymer 'Bcl-2-binding component 3, isoforms 1/2'
3 non-polymer 'ZINC ION'
4 water water
#
loop_
_entity_poly.entity_id
_entity_poly.type
_entity_poly.pdbx_seq_one_letter_code
_entity_poly.pdbx_strand_id
1 'polypeptide(L)'
;PLSSSVPSQKTYQGSYGFRLGFLHSGTAKSVTCTYSPALNKMFCQLAKTCPVQLWVDSTPPPGTRVRAMAIYKQSQHMTE
VVRRCPHHERCSDSDGLAPPQHLIRVEGNLRVEYLDDRNTFRHSVVVPYEPPEVGSDCTTIHYNYMCNSSCMGGMNRRPI
LTIITLEDSSGNLLGRNSFEVRVCACPGRDRRTEEENLRHHHHHH
;
A,B,C,D
2 'polypeptide(L)' EIGAQLRRMADDLNA E
#
loop_
_chem_comp.id
_chem_comp.type
_chem_comp.name
_chem_comp.formula
ZN non-polymer 'ZINC ION' 'Zn 2'
#
# COMPACT_ATOMS: atom_id res chain seq x y z
N PRO A 1 -10.59 -1.07 16.42
CA PRO A 1 -12.03 -0.91 16.66
C PRO A 1 -12.36 -0.25 18.02
N LEU A 2 -13.52 -0.58 18.58
CA LEU A 2 -13.88 -0.17 19.93
C LEU A 2 -13.75 -1.37 20.87
N SER A 3 -13.01 -1.18 21.95
CA SER A 3 -13.03 -2.17 23.00
C SER A 3 -14.36 -2.07 23.75
N SER A 4 -14.76 -3.19 24.35
CA SER A 4 -15.86 -3.14 25.30
C SER A 4 -15.41 -2.66 26.66
N SER A 5 -14.22 -3.08 27.10
CA SER A 5 -13.69 -2.81 28.43
C SER A 5 -12.81 -1.57 28.43
N VAL A 6 -12.48 -1.10 29.63
CA VAL A 6 -11.43 -0.12 29.83
C VAL A 6 -10.45 -0.66 30.86
N PRO A 7 -9.16 -0.81 30.52
CA PRO A 7 -8.18 -1.30 31.49
C PRO A 7 -8.13 -0.46 32.75
N SER A 8 -7.88 -1.11 33.88
CA SER A 8 -7.67 -0.36 35.10
C SER A 8 -6.34 0.40 35.03
N GLN A 9 -6.34 1.65 35.47
CA GLN A 9 -5.11 2.43 35.50
C GLN A 9 -4.65 2.72 36.92
N LYS A 10 -5.23 2.09 37.93
CA LYS A 10 -4.92 2.46 39.30
C LYS A 10 -3.55 1.93 39.69
N THR A 11 -2.74 2.82 40.27
CA THR A 11 -1.48 2.44 40.90
C THR A 11 -1.68 1.40 42.01
N TYR A 12 -0.88 0.35 41.97
CA TYR A 12 -1.01 -0.73 42.94
C TYR A 12 0.38 -1.27 43.19
N GLN A 13 0.97 -0.99 44.35
CA GLN A 13 2.36 -1.39 44.51
C GLN A 13 2.48 -2.86 44.93
N GLY A 14 1.52 -3.38 45.70
CA GLY A 14 1.48 -4.82 45.94
C GLY A 14 2.56 -5.32 46.88
N SER A 15 2.68 -6.66 46.90
CA SER A 15 3.63 -7.32 47.79
C SER A 15 5.05 -6.85 47.57
N TYR A 16 5.44 -6.58 46.33
CA TYR A 16 6.85 -6.44 46.01
C TYR A 16 7.33 -5.00 46.00
N GLY A 17 6.46 -4.05 46.36
CA GLY A 17 6.84 -2.65 46.35
C GLY A 17 7.22 -2.19 44.95
N PHE A 18 6.27 -2.23 44.01
CA PHE A 18 6.57 -2.02 42.59
C PHE A 18 6.38 -0.56 42.20
N ARG A 19 7.44 0.08 41.68
CA ARG A 19 7.38 1.47 41.25
C ARG A 19 8.21 1.66 39.99
N LEU A 20 7.92 2.75 39.27
CA LEU A 20 8.66 3.12 38.06
C LEU A 20 9.66 4.25 38.35
N GLY A 21 10.82 4.17 37.69
CA GLY A 21 11.76 5.27 37.68
C GLY A 21 12.16 5.65 36.26
N PHE A 22 12.75 6.83 36.13
CA PHE A 22 13.11 7.34 34.82
C PHE A 22 14.46 8.04 34.90
N LEU A 23 15.24 7.93 33.82
CA LEU A 23 16.38 8.82 33.66
C LEU A 23 15.91 10.27 33.82
N HIS A 24 16.68 11.06 34.55
CA HIS A 24 16.42 12.51 34.62
C HIS A 24 17.35 13.12 33.58
N SER A 25 16.81 13.45 32.41
CA SER A 25 17.64 13.75 31.27
C SER A 25 17.76 15.23 30.95
N GLY A 26 16.92 16.07 31.51
CA GLY A 26 16.95 17.46 31.11
C GLY A 26 16.15 17.69 29.84
N THR A 27 16.25 18.94 29.35
CA THR A 27 15.47 19.37 28.19
C THR A 27 16.33 19.98 27.10
N ALA A 28 17.65 19.83 27.18
CA ALA A 28 18.53 20.16 26.07
C ALA A 28 17.88 19.70 24.76
N LYS A 29 17.94 20.57 23.75
CA LYS A 29 17.24 20.25 22.50
C LYS A 29 17.64 18.89 21.95
N SER A 30 18.78 18.34 22.37
CA SER A 30 19.28 17.10 21.79
C SER A 30 18.67 15.84 22.39
N VAL A 31 18.00 15.92 23.57
CA VAL A 31 17.59 14.72 24.27
C VAL A 31 16.42 14.08 23.53
N THR A 32 16.46 12.76 23.42
CA THR A 32 15.41 12.08 22.68
C THR A 32 14.33 11.52 23.58
N CYS A 33 14.63 11.24 24.86
CA CYS A 33 13.62 10.78 25.81
C CYS A 33 13.85 11.47 27.15
N THR A 34 12.84 12.18 27.65
CA THR A 34 12.96 12.89 28.90
C THR A 34 11.62 12.82 29.63
N TYR A 35 11.68 12.56 30.92
CA TYR A 35 10.48 12.47 31.74
C TYR A 35 10.30 13.71 32.61
N SER A 36 9.06 14.15 32.75
CA SER A 36 8.68 15.34 33.53
C SER A 36 8.04 14.90 34.85
N PRO A 37 8.73 14.97 35.98
CA PRO A 37 8.05 14.59 37.23
C PRO A 37 6.83 15.45 37.52
N ALA A 38 6.87 16.72 37.13
CA ALA A 38 5.75 17.60 37.40
C ALA A 38 4.46 17.08 36.77
N LEU A 39 4.52 16.72 35.50
CA LEU A 39 3.34 16.28 34.78
C LEU A 39 3.17 14.77 34.78
N ASN A 40 4.07 14.05 35.44
CA ASN A 40 4.17 12.58 35.37
C ASN A 40 4.03 12.09 33.92
N LYS A 41 4.86 12.64 33.04
CA LYS A 41 4.65 12.52 31.60
C LYS A 41 5.99 12.33 30.89
N MET A 42 6.09 11.25 30.13
CA MET A 42 7.24 10.97 29.28
C MET A 42 7.14 11.66 27.92
N PHE A 43 8.21 12.32 27.51
CA PHE A 43 8.32 13.00 26.22
C PHE A 43 9.40 12.27 25.44
N CYS A 44 9.01 11.59 24.37
CA CYS A 44 9.93 10.72 23.66
C CYS A 44 9.82 10.92 22.15
N GLN A 45 10.90 10.63 21.44
CA GLN A 45 10.92 10.68 19.98
C GLN A 45 10.42 9.39 19.36
N LEU A 46 9.80 9.53 18.18
CA LEU A 46 9.41 8.43 17.32
C LEU A 46 10.55 7.41 17.13
N ALA A 47 10.34 6.19 17.63
CA ALA A 47 11.25 5.05 17.48
C ALA A 47 12.59 5.21 18.21
N LYS A 48 12.77 6.20 19.06
CA LYS A 48 14.02 6.26 19.80
C LYS A 48 13.84 5.55 21.15
N THR A 49 14.98 5.20 21.75
CA THR A 49 14.96 4.48 23.01
C THR A 49 14.27 5.29 24.10
N CYS A 50 13.31 4.68 24.78
CA CYS A 50 12.66 5.26 25.96
C CYS A 50 12.87 4.31 27.14
N PRO A 51 13.88 4.56 27.98
CA PRO A 51 14.12 3.63 29.09
C PRO A 51 13.09 3.82 30.19
N VAL A 52 12.56 2.70 30.70
CA VAL A 52 11.68 2.74 31.85
C VAL A 52 12.23 1.78 32.90
N GLN A 53 12.31 2.23 34.14
CA GLN A 53 12.94 1.43 35.19
C GLN A 53 11.89 0.83 36.11
N LEU A 54 12.10 -0.44 36.43
CA LEU A 54 11.30 -1.14 37.41
C LEU A 54 12.06 -1.17 38.73
N TRP A 55 11.40 -0.73 39.80
CA TRP A 55 11.99 -0.67 41.13
C TRP A 55 11.11 -1.48 42.07
N VAL A 56 11.68 -2.48 42.71
CA VAL A 56 10.97 -3.28 43.70
C VAL A 56 11.72 -3.23 45.02
N ASP A 57 10.97 -3.21 46.11
CA ASP A 57 11.59 -3.41 47.42
C ASP A 57 11.81 -4.89 47.71
N SER A 58 11.14 -5.77 46.95
CA SER A 58 11.11 -7.21 47.21
C SER A 58 11.12 -7.94 45.87
N THR A 59 12.02 -8.89 45.71
CA THR A 59 12.17 -9.55 44.41
C THR A 59 11.01 -10.52 44.11
N PRO A 60 10.28 -10.31 43.01
CA PRO A 60 9.18 -11.22 42.67
C PRO A 60 9.72 -12.56 42.20
N PRO A 61 8.91 -13.62 42.28
CA PRO A 61 9.41 -14.97 41.96
C PRO A 61 9.86 -15.07 40.50
N PRO A 62 10.40 -16.21 40.07
CA PRO A 62 10.74 -16.34 38.65
C PRO A 62 9.49 -16.58 37.83
N GLY A 63 9.65 -16.46 36.51
CA GLY A 63 8.51 -16.56 35.63
C GLY A 63 7.64 -15.34 35.59
N THR A 64 7.95 -14.31 36.39
CA THR A 64 7.24 -13.03 36.37
C THR A 64 7.49 -12.31 35.05
N ARG A 65 6.49 -11.55 34.59
CA ARG A 65 6.53 -10.89 33.30
C ARG A 65 6.13 -9.41 33.43
N VAL A 66 6.57 -8.57 32.49
CA VAL A 66 6.28 -7.14 32.46
C VAL A 66 5.51 -6.80 31.18
N ARG A 67 4.28 -6.29 31.32
CA ARG A 67 3.43 -5.91 30.20
C ARG A 67 3.38 -4.40 30.11
N ALA A 68 3.35 -3.87 28.89
CA ALA A 68 3.09 -2.46 28.63
C ALA A 68 1.90 -2.35 27.69
N MET A 69 1.04 -1.38 27.95
CA MET A 69 -0.16 -1.19 27.16
C MET A 69 -0.53 0.29 27.16
N ALA A 70 -0.97 0.79 26.03
CA ALA A 70 -1.41 2.18 25.87
C ALA A 70 -2.92 2.28 25.78
N ILE A 71 -3.46 3.34 26.39
CA ILE A 71 -4.89 3.66 26.31
C ILE A 71 -5.01 5.17 26.17
N TYR A 72 -6.17 5.62 25.71
CA TYR A 72 -6.40 7.06 25.60
C TYR A 72 -6.79 7.63 26.95
N LYS A 73 -6.36 8.87 27.18
CA LYS A 73 -6.49 9.47 28.50
C LYS A 73 -7.85 10.12 28.71
N GLN A 74 -8.30 10.93 27.74
CA GLN A 74 -9.63 11.54 27.80
C GLN A 74 -10.73 10.48 27.84
N SER A 75 -11.75 10.74 28.68
CA SER A 75 -12.84 9.79 28.90
C SER A 75 -13.53 9.38 27.59
N GLN A 76 -13.72 10.32 26.67
CA GLN A 76 -14.49 10.00 25.47
C GLN A 76 -13.75 9.10 24.49
N HIS A 77 -12.49 8.77 24.72
CA HIS A 77 -11.74 7.90 23.82
C HIS A 77 -11.28 6.62 24.50
N MET A 78 -11.55 6.49 25.80
CA MET A 78 -11.08 5.33 26.55
C MET A 78 -11.34 4.04 25.80
N THR A 79 -12.58 3.80 25.37
CA THR A 79 -12.82 2.47 24.81
C THR A 79 -12.16 2.27 23.43
N GLU A 80 -11.35 3.19 22.91
CA GLU A 80 -10.72 3.03 21.59
C GLU A 80 -9.30 2.47 21.74
N VAL A 81 -9.03 1.40 21.00
CA VAL A 81 -7.73 0.73 21.08
C VAL A 81 -6.66 1.64 20.50
N VAL A 82 -5.63 1.92 21.29
CA VAL A 82 -4.51 2.69 20.76
C VAL A 82 -3.74 1.85 19.76
N ARG A 83 -3.45 2.44 18.59
CA ARG A 83 -2.99 1.70 17.44
C ARG A 83 -2.31 2.64 16.48
N ARG A 84 -1.28 2.13 15.77
CA ARG A 84 -0.56 2.93 14.79
C ARG A 84 -1.47 3.38 13.67
N CYS A 85 -1.14 4.54 13.11
CA CYS A 85 -1.85 5.07 11.95
C CYS A 85 -1.59 4.22 10.71
N PRO A 86 -2.48 4.31 9.70
CA PRO A 86 -2.27 3.52 8.46
C PRO A 86 -0.92 3.72 7.81
N HIS A 87 -0.40 4.95 7.80
CA HIS A 87 0.88 5.22 7.17
C HIS A 87 2.00 4.44 7.85
N HIS A 88 2.08 4.50 9.19
CA HIS A 88 3.10 3.73 9.89
C HIS A 88 2.74 2.26 9.97
N GLU A 89 1.45 1.93 9.90
CA GLU A 89 1.07 0.53 9.76
C GLU A 89 1.67 -0.08 8.48
N ARG A 90 1.61 0.66 7.37
CA ARG A 90 2.14 0.19 6.08
C ARG A 90 3.64 0.47 5.90
N CYS A 91 4.29 1.12 6.87
CA CYS A 91 5.69 1.50 6.72
C CYS A 91 6.60 0.28 6.66
N SER A 92 7.74 0.44 5.98
CA SER A 92 8.81 -0.57 5.95
C SER A 92 9.57 -0.51 7.28
N ASP A 93 8.86 -0.87 8.33
CA ASP A 93 9.25 -0.55 9.70
C ASP A 93 9.71 -1.73 10.52
N SER A 94 9.50 -2.96 10.05
CA SER A 94 9.45 -4.10 10.95
C SER A 94 10.80 -4.41 11.60
N ASP A 95 10.76 -4.76 12.89
CA ASP A 95 11.95 -5.23 13.59
C ASP A 95 12.09 -6.74 13.58
N GLY A 96 11.29 -7.45 12.77
CA GLY A 96 11.31 -8.89 12.71
C GLY A 96 10.39 -9.58 13.71
N LEU A 97 10.08 -8.92 14.82
CA LEU A 97 9.26 -9.52 15.87
C LEU A 97 7.89 -8.89 16.03
N ALA A 98 7.78 -7.52 16.01
CA ALA A 98 6.61 -6.78 16.44
C ALA A 98 5.52 -6.72 15.36
N PRO A 99 4.26 -6.81 15.73
CA PRO A 99 3.18 -6.65 14.74
C PRO A 99 3.14 -5.24 14.22
N PRO A 100 2.91 -5.07 12.91
CA PRO A 100 3.03 -3.74 12.29
C PRO A 100 2.06 -2.70 12.84
N GLN A 101 1.06 -3.07 13.62
CA GLN A 101 0.13 -2.06 14.09
C GLN A 101 0.26 -1.73 15.58
N HIS A 102 1.15 -2.39 16.34
CA HIS A 102 1.29 -2.02 17.74
C HIS A 102 2.06 -0.72 17.87
N LEU A 103 1.58 0.13 18.78
CA LEU A 103 2.32 1.33 19.12
C LEU A 103 3.66 0.98 19.79
N ILE A 104 3.62 0.13 20.80
CA ILE A 104 4.74 -0.07 21.72
C ILE A 104 5.56 -1.30 21.32
N ARG A 105 6.85 -1.12 21.14
CA ARG A 105 7.76 -2.25 21.00
C ARG A 105 8.75 -2.24 22.15
N VAL A 106 9.45 -3.35 22.30
CA VAL A 106 10.62 -3.42 23.16
C VAL A 106 11.80 -3.75 22.27
N GLU A 107 12.90 -3.02 22.42
CA GLU A 107 14.14 -3.33 21.73
C GLU A 107 15.14 -3.99 22.69
N GLY A 108 15.97 -4.86 22.11
CA GLY A 108 17.04 -5.50 22.85
C GLY A 108 16.71 -6.83 23.49
N ASN A 109 15.63 -7.50 23.08
CA ASN A 109 15.16 -8.65 23.85
C ASN A 109 14.46 -9.63 22.91
N LEU A 110 15.16 -10.72 22.57
CA LEU A 110 14.56 -11.75 21.73
C LEU A 110 13.47 -12.54 22.43
N ARG A 111 13.35 -12.46 23.76
CA ARG A 111 12.25 -13.08 24.49
C ARG A 111 10.96 -12.20 24.52
N VAL A 112 10.83 -11.21 23.65
CA VAL A 112 9.64 -10.36 23.63
C VAL A 112 8.47 -11.16 23.09
N GLU A 113 7.27 -10.76 23.49
CA GLU A 113 6.02 -11.39 23.13
C GLU A 113 4.99 -10.29 22.86
N TYR A 114 4.23 -10.44 21.79
CA TYR A 114 3.25 -9.43 21.44
C TYR A 114 1.88 -10.07 21.41
N LEU A 115 0.88 -9.36 21.97
CA LEU A 115 -0.44 -9.94 22.18
C LEU A 115 -1.55 -9.07 21.59
N ASP A 116 -2.36 -9.68 20.74
CA ASP A 116 -3.62 -9.08 20.27
C ASP A 116 -4.72 -9.76 21.08
N ASP A 117 -5.25 -9.06 22.08
CA ASP A 117 -6.27 -9.69 22.93
C ASP A 117 -7.52 -9.98 22.10
N ARG A 118 -7.90 -11.27 22.01
CA ARG A 118 -8.95 -11.66 21.07
C ARG A 118 -10.36 -11.32 21.56
N ASN A 119 -10.54 -10.99 22.84
CA ASN A 119 -11.82 -10.53 23.40
C ASN A 119 -11.90 -9.02 23.55
N THR A 120 -10.81 -8.35 23.94
CA THR A 120 -10.83 -6.92 24.15
C THR A 120 -10.33 -6.10 22.97
N PHE A 121 -9.55 -6.68 22.05
CA PHE A 121 -8.91 -6.04 20.86
C PHE A 121 -7.69 -5.20 21.21
N ARG A 122 -7.24 -5.25 22.46
CA ARG A 122 -6.16 -4.37 22.93
C ARG A 122 -4.79 -4.93 22.56
N HIS A 123 -3.84 -4.03 22.23
CA HIS A 123 -2.46 -4.42 21.94
C HIS A 123 -1.62 -4.31 23.21
N SER A 124 -0.78 -5.31 23.48
CA SER A 124 0.20 -5.16 24.53
C SER A 124 1.49 -5.89 24.15
N VAL A 125 2.58 -5.57 24.86
CA VAL A 125 3.88 -6.19 24.69
C VAL A 125 4.37 -6.64 26.05
N VAL A 126 4.99 -7.82 26.11
CA VAL A 126 5.36 -8.47 27.36
C VAL A 126 6.78 -9.01 27.25
N VAL A 127 7.58 -8.77 28.29
CA VAL A 127 8.94 -9.27 28.42
C VAL A 127 9.07 -9.94 29.78
N PRO A 128 10.02 -10.86 29.94
CA PRO A 128 10.28 -11.41 31.28
C PRO A 128 10.88 -10.38 32.21
N TYR A 129 10.47 -10.45 33.46
CA TYR A 129 11.12 -9.68 34.51
C TYR A 129 12.51 -10.27 34.78
N GLU A 130 13.51 -9.40 34.87
CA GLU A 130 14.82 -9.80 35.34
C GLU A 130 15.18 -8.97 36.56
N PRO A 131 15.70 -9.56 37.63
CA PRO A 131 16.16 -8.76 38.78
C PRO A 131 17.24 -7.78 38.36
N PRO A 132 17.46 -6.71 39.12
CA PRO A 132 18.55 -5.78 38.80
C PRO A 132 19.91 -6.46 38.76
N GLU A 133 20.89 -5.72 38.26
CA GLU A 133 22.28 -6.13 38.37
C GLU A 133 22.68 -6.18 39.85
N VAL A 134 23.62 -7.06 40.17
CA VAL A 134 24.23 -7.02 41.51
C VAL A 134 24.99 -5.69 41.63
N GLY A 135 24.45 -4.77 42.44
CA GLY A 135 24.99 -3.43 42.54
C GLY A 135 24.19 -2.35 41.83
N SER A 136 23.14 -2.73 41.11
CA SER A 136 22.17 -1.78 40.59
C SER A 136 20.91 -1.82 41.43
N ASP A 137 20.19 -0.72 41.40
CA ASP A 137 18.93 -0.66 42.13
C ASP A 137 17.72 -0.99 41.28
N CYS A 138 17.83 -1.04 39.95
CA CYS A 138 16.61 -1.08 39.15
C CYS A 138 16.81 -1.96 37.92
N THR A 139 15.69 -2.37 37.33
CA THR A 139 15.65 -3.02 36.03
C THR A 139 15.19 -2.03 34.98
N THR A 140 15.81 -2.09 33.79
CA THR A 140 15.56 -1.14 32.71
C THR A 140 15.00 -1.88 31.50
N ILE A 141 13.91 -1.37 30.95
CA ILE A 141 13.32 -1.86 29.71
C ILE A 141 13.35 -0.73 28.70
N HIS A 142 13.85 -1.01 27.49
CA HIS A 142 13.95 -0.02 26.42
C HIS A 142 12.71 -0.11 25.53
N TYR A 143 11.83 0.89 25.60
CA TYR A 143 10.58 0.88 24.85
C TYR A 143 10.70 1.76 23.62
N ASN A 144 9.97 1.41 22.57
CA ASN A 144 9.90 2.22 21.36
C ASN A 144 8.45 2.53 21.08
N TYR A 145 8.15 3.79 20.83
CA TYR A 145 6.84 4.22 20.35
C TYR A 145 6.98 4.51 18.86
N MET A 146 6.19 3.81 18.03
CA MET A 146 6.38 3.81 16.58
C MET A 146 5.32 4.63 15.85
N CYS A 147 4.65 5.53 16.55
CA CYS A 147 3.72 6.46 15.92
C CYS A 147 3.58 7.73 16.74
N ASN A 148 3.70 8.89 16.08
CA ASN A 148 3.69 10.19 16.75
C ASN A 148 2.31 10.52 17.32
N SER A 149 2.31 11.31 18.41
CA SER A 149 1.04 11.83 18.93
C SER A 149 0.34 12.72 17.92
N SER A 150 1.08 13.22 16.93
CA SER A 150 0.51 14.11 15.93
C SER A 150 -0.21 13.39 14.80
N CYS A 151 0.09 12.11 14.58
CA CYS A 151 -0.35 11.40 13.37
C CYS A 151 -1.86 11.29 13.26
N MET A 152 -2.45 12.00 12.31
CA MET A 152 -3.87 11.81 12.06
C MET A 152 -4.08 10.44 11.44
N GLY A 153 -5.27 9.89 11.65
CA GLY A 153 -5.47 8.48 11.43
C GLY A 153 -5.00 7.61 12.57
N GLY A 154 -4.26 8.16 13.52
CA GLY A 154 -3.86 7.41 14.70
C GLY A 154 -4.34 8.02 16.01
N MET A 155 -3.40 8.29 16.91
CA MET A 155 -3.78 8.99 18.14
C MET A 155 -4.30 10.38 17.85
N ASN A 156 -3.79 11.03 16.81
CA ASN A 156 -4.39 12.27 16.30
C ASN A 156 -4.51 13.31 17.40
N ARG A 157 -3.38 13.60 18.06
CA ARG A 157 -3.26 14.66 19.05
C ARG A 157 -4.13 14.41 20.28
N ARG A 158 -4.56 13.17 20.51
CA ARG A 158 -5.17 12.83 21.79
C ARG A 158 -4.14 12.22 22.73
N PRO A 159 -4.11 12.63 23.99
CA PRO A 159 -3.12 12.08 24.93
C PRO A 159 -3.35 10.61 25.22
N ILE A 160 -2.26 9.90 25.50
CA ILE A 160 -2.32 8.49 25.88
C ILE A 160 -1.62 8.32 27.22
N LEU A 161 -1.95 7.23 27.89
CA LEU A 161 -1.12 6.71 28.98
C LEU A 161 -0.51 5.39 28.56
N THR A 162 0.60 5.04 29.20
CA THR A 162 1.13 3.69 29.14
C THR A 162 0.91 3.07 30.51
N ILE A 163 0.46 1.82 30.51
CA ILE A 163 0.16 1.08 31.73
C ILE A 163 1.13 -0.09 31.83
N ILE A 164 2.04 -0.03 32.80
CA ILE A 164 2.97 -1.12 33.05
C ILE A 164 2.43 -1.98 34.17
N THR A 165 2.15 -3.23 33.88
CA THR A 165 1.68 -4.17 34.88
C THR A 165 2.76 -5.19 35.18
N LEU A 166 2.91 -5.54 36.46
CA LEU A 166 3.67 -6.72 36.85
C LEU A 166 2.70 -7.90 37.01
N GLU A 167 3.01 -9.03 36.37
CA GLU A 167 2.18 -10.23 36.43
C GLU A 167 3.03 -11.46 36.74
N ASP A 168 2.38 -12.48 37.31
CA ASP A 168 3.05 -13.76 37.54
C ASP A 168 2.87 -14.69 36.34
N SER A 169 3.51 -15.87 36.41
CA SER A 169 3.58 -16.77 35.26
C SER A 169 2.20 -17.12 34.71
N SER A 170 1.17 -17.07 35.57
CA SER A 170 -0.19 -17.39 35.17
C SER A 170 -0.99 -16.15 34.79
N GLY A 171 -0.40 -14.96 34.89
CA GLY A 171 -1.02 -13.74 34.44
C GLY A 171 -1.71 -12.91 35.50
N ASN A 172 -1.59 -13.28 36.76
CA ASN A 172 -2.24 -12.55 37.82
C ASN A 172 -1.49 -11.26 38.12
N LEU A 173 -2.25 -10.22 38.45
CA LEU A 173 -1.67 -8.93 38.76
C LEU A 173 -0.79 -9.01 39.99
N LEU A 174 0.40 -8.44 39.90
CA LEU A 174 1.30 -8.27 41.04
C LEU A 174 1.54 -6.82 41.39
N GLY A 175 1.28 -5.89 40.48
CA GLY A 175 1.46 -4.47 40.72
C GLY A 175 1.17 -3.75 39.42
N ARG A 176 1.04 -2.42 39.53
CA ARG A 176 0.73 -1.60 38.36
C ARG A 176 1.10 -0.14 38.64
N ASN A 177 1.68 0.50 37.64
CA ASN A 177 1.89 1.95 37.62
C ASN A 177 1.67 2.42 36.20
N SER A 178 1.72 3.74 36.00
CA SER A 178 1.30 4.36 34.75
C SER A 178 2.01 5.71 34.60
N PHE A 179 2.18 6.13 33.36
CA PHE A 179 2.65 7.47 33.03
C PHE A 179 2.02 7.90 31.71
N GLU A 180 1.84 9.21 31.55
CA GLU A 180 1.45 9.79 30.27
C GLU A 180 2.62 9.73 29.30
N VAL A 181 2.31 9.77 28.02
CA VAL A 181 3.34 9.73 26.99
C VAL A 181 2.91 10.64 25.85
N ARG A 182 3.84 11.46 25.37
CA ARG A 182 3.67 12.22 24.15
C ARG A 182 4.84 11.88 23.23
N VAL A 183 4.54 11.46 22.01
CA VAL A 183 5.59 11.15 21.05
C VAL A 183 5.65 12.31 20.06
N CYS A 184 6.72 13.09 20.14
CA CYS A 184 6.82 14.31 19.33
C CYS A 184 8.08 14.28 18.48
N ALA A 185 8.41 15.42 17.87
CA ALA A 185 9.73 15.56 17.27
C ALA A 185 10.73 16.20 18.23
N CYS A 186 10.28 17.13 19.09
CA CYS A 186 11.15 17.86 20.01
C CYS A 186 10.80 17.54 21.47
N PRO A 187 11.35 16.47 22.05
CA PRO A 187 10.96 16.09 23.42
C PRO A 187 11.48 17.04 24.47
N GLY A 188 12.79 17.30 24.44
CA GLY A 188 13.34 18.35 25.28
C GLY A 188 12.56 19.64 25.15
N ARG A 189 12.34 20.08 23.91
CA ARG A 189 11.68 21.36 23.66
C ARG A 189 10.23 21.33 24.10
N ASP A 190 9.51 20.26 23.75
CA ASP A 190 8.09 20.26 24.05
C ASP A 190 7.80 20.01 25.53
N ARG A 191 8.76 19.45 26.29
CA ARG A 191 8.55 19.29 27.72
C ARG A 191 8.66 20.63 28.45
N ARG A 192 9.74 21.36 28.17
CA ARG A 192 9.93 22.67 28.79
C ARG A 192 8.76 23.60 28.51
N THR A 193 8.22 23.57 27.28
CA THR A 193 7.02 24.33 26.96
C THR A 193 5.83 23.84 27.77
N GLU A 194 5.56 22.54 27.75
CA GLU A 194 4.43 22.02 28.52
C GLU A 194 4.67 22.20 30.01
N GLU A 195 5.92 22.12 30.46
CA GLU A 195 6.16 22.41 31.86
C GLU A 195 5.92 23.88 32.14
N GLU A 196 5.96 24.71 31.09
CA GLU A 196 5.65 26.13 31.17
C GLU A 196 4.13 26.39 31.16
N ASN A 197 3.35 25.56 30.42
CA ASN A 197 1.91 25.38 30.63
C ASN A 197 1.60 25.71 32.08
N LEU A 198 1.86 24.65 32.83
CA LEU A 198 1.78 24.57 34.27
C LEU A 198 2.76 25.54 34.92
N ARG A 199 2.23 26.31 35.87
CA ARG A 199 2.91 27.21 36.80
C ARG A 199 2.02 28.43 37.06
N PRO B 1 -17.95 21.12 -14.16
CA PRO B 1 -18.60 19.92 -13.62
C PRO B 1 -18.62 19.92 -12.11
N LEU B 2 -19.46 20.77 -11.51
CA LEU B 2 -19.50 20.95 -10.06
C LEU B 2 -19.34 19.64 -9.32
N SER B 3 -18.52 19.68 -8.29
CA SER B 3 -18.19 18.48 -7.54
C SER B 3 -19.05 18.36 -6.29
N SER B 4 -19.69 17.18 -6.11
CA SER B 4 -20.26 16.72 -4.85
C SER B 4 -19.35 16.80 -3.64
N SER B 5 -18.17 17.41 -3.74
CA SER B 5 -17.37 17.50 -2.54
C SER B 5 -16.29 18.55 -2.72
N VAL B 6 -15.68 18.89 -1.58
CA VAL B 6 -14.71 19.97 -1.52
C VAL B 6 -13.48 19.52 -0.72
N PRO B 7 -12.29 19.50 -1.32
CA PRO B 7 -11.09 19.03 -0.60
C PRO B 7 -10.88 19.80 0.68
N SER B 8 -10.36 19.10 1.69
CA SER B 8 -10.02 19.78 2.94
C SER B 8 -8.79 20.65 2.73
N GLN B 9 -8.84 21.86 3.32
CA GLN B 9 -7.71 22.79 3.27
C GLN B 9 -7.03 22.95 4.62
N LYS B 10 -7.49 22.24 5.65
CA LYS B 10 -6.99 22.46 7.00
C LYS B 10 -5.49 22.19 7.05
N THR B 11 -4.74 23.18 7.53
CA THR B 11 -3.30 23.00 7.67
C THR B 11 -3.01 21.91 8.70
N TYR B 12 -1.98 21.12 8.45
CA TYR B 12 -1.72 19.92 9.24
C TYR B 12 -0.28 19.52 8.99
N GLN B 13 0.58 19.69 9.99
CA GLN B 13 1.98 19.39 9.76
C GLN B 13 2.28 17.90 9.89
N GLY B 14 1.54 17.19 10.71
CA GLY B 14 1.79 15.77 10.88
C GLY B 14 3.17 15.43 11.44
N SER B 15 3.44 14.12 11.42
CA SER B 15 4.70 13.57 11.92
C SER B 15 5.92 14.28 11.32
N TYR B 16 5.90 14.56 10.02
CA TYR B 16 7.12 14.99 9.36
C TYR B 16 7.37 16.49 9.44
N GLY B 17 6.66 17.21 10.31
CA GLY B 17 6.93 18.63 10.49
C GLY B 17 6.79 19.43 9.23
N PHE B 18 5.77 19.12 8.44
CA PHE B 18 5.67 19.63 7.07
C PHE B 18 5.14 21.06 7.07
N ARG B 19 5.86 21.94 6.39
CA ARG B 19 5.48 23.33 6.21
C ARG B 19 5.96 23.80 4.84
N LEU B 20 5.45 24.94 4.39
CA LEU B 20 5.83 25.54 3.10
C LEU B 20 6.74 26.74 3.28
N GLY B 21 7.71 26.86 2.37
CA GLY B 21 8.59 28.01 2.31
C GLY B 21 8.56 28.67 0.93
N PHE B 22 8.87 29.96 0.91
CA PHE B 22 8.76 30.72 -0.34
C PHE B 22 9.98 31.60 -0.43
N LEU B 23 10.42 31.84 -1.66
CA LEU B 23 11.54 32.76 -1.88
C LEU B 23 11.15 34.20 -1.50
N HIS B 24 12.01 34.88 -0.73
CA HIS B 24 11.79 36.29 -0.38
C HIS B 24 12.27 37.19 -1.51
N SER B 25 11.50 37.21 -2.61
CA SER B 25 11.99 37.81 -3.85
C SER B 25 11.76 39.30 -3.99
N GLY B 26 10.98 39.93 -3.10
CA GLY B 26 10.70 41.34 -3.24
C GLY B 26 9.63 41.61 -4.28
N THR B 27 9.51 42.87 -4.70
CA THR B 27 8.41 43.26 -5.58
C THR B 27 8.86 44.10 -6.78
N ALA B 28 10.09 43.91 -7.28
CA ALA B 28 10.58 44.68 -8.43
C ALA B 28 9.88 44.26 -9.71
N LYS B 29 9.94 45.13 -10.73
CA LYS B 29 9.22 44.86 -11.98
C LYS B 29 9.65 43.56 -12.62
N SER B 30 10.93 43.19 -12.48
CA SER B 30 11.42 41.99 -13.14
C SER B 30 10.98 40.71 -12.41
N VAL B 31 10.49 40.82 -11.16
CA VAL B 31 10.11 39.66 -10.36
C VAL B 31 8.92 38.95 -10.98
N THR B 32 9.04 37.64 -11.24
CA THR B 32 7.88 36.95 -11.84
C THR B 32 7.03 36.22 -10.82
N CYS B 33 7.62 35.78 -9.72
CA CYS B 33 6.87 35.14 -8.66
C CYS B 33 7.32 35.73 -7.33
N THR B 34 6.35 36.02 -6.45
CA THR B 34 6.66 36.67 -5.20
C THR B 34 5.55 36.37 -4.20
N TYR B 35 5.93 36.11 -2.96
CA TYR B 35 5.00 35.65 -1.94
C TYR B 35 4.75 36.75 -0.93
N SER B 36 3.50 36.92 -0.53
CA SER B 36 3.06 37.88 0.46
C SER B 36 2.76 37.16 1.78
N PRO B 37 3.73 37.07 2.71
CA PRO B 37 3.40 36.45 4.01
C PRO B 37 2.26 37.12 4.75
N ALA B 38 2.10 38.45 4.62
CA ALA B 38 1.01 39.10 5.36
C ALA B 38 -0.34 38.71 4.79
N LEU B 39 -0.41 38.36 3.51
CA LEU B 39 -1.64 37.87 2.92
C LEU B 39 -1.66 36.36 2.72
N ASN B 40 -0.54 35.68 3.00
CA ASN B 40 -0.34 34.26 2.68
C ASN B 40 -0.77 33.99 1.23
N LYS B 41 -0.29 34.82 0.32
CA LYS B 41 -0.77 34.86 -1.04
C LYS B 41 0.40 34.90 -2.00
N MET B 42 0.36 34.00 -2.98
CA MET B 42 1.36 33.90 -4.04
C MET B 42 0.94 34.75 -5.25
N PHE B 43 1.75 35.74 -5.62
CA PHE B 43 1.53 36.51 -6.84
C PHE B 43 2.49 35.99 -7.90
N CYS B 44 1.95 35.38 -8.95
CA CYS B 44 2.76 34.82 -10.00
C CYS B 44 2.28 35.36 -11.35
N GLN B 45 3.14 35.23 -12.35
CA GLN B 45 2.81 35.49 -13.76
C GLN B 45 2.54 34.19 -14.50
N LEU B 46 1.56 34.25 -15.40
CA LEU B 46 1.24 33.18 -16.33
C LEU B 46 2.49 32.47 -16.84
N ALA B 47 2.49 31.14 -16.80
CA ALA B 47 3.50 30.26 -17.40
C ALA B 47 4.93 30.51 -16.87
N LYS B 48 5.10 31.33 -15.84
CA LYS B 48 6.41 31.55 -15.27
C LYS B 48 6.62 30.65 -14.06
N THR B 49 7.90 30.49 -13.69
CA THR B 49 8.29 29.63 -12.59
C THR B 49 7.80 30.20 -11.26
N CYS B 50 7.15 29.36 -10.45
CA CYS B 50 6.78 29.70 -9.08
C CYS B 50 7.39 28.67 -8.15
N PRO B 51 8.52 28.95 -7.50
CA PRO B 51 9.05 28.00 -6.50
C PRO B 51 8.11 27.88 -5.31
N VAL B 52 7.86 26.64 -4.89
CA VAL B 52 7.40 26.37 -3.54
C VAL B 52 8.48 25.53 -2.86
N GLN B 53 8.70 25.77 -1.58
CA GLN B 53 9.70 25.02 -0.82
C GLN B 53 8.99 24.10 0.13
N LEU B 54 9.39 22.83 0.11
CA LEU B 54 8.93 21.85 1.06
C LEU B 54 9.92 21.82 2.23
N TRP B 55 9.42 22.08 3.43
CA TRP B 55 10.24 22.08 4.63
C TRP B 55 9.73 21.00 5.56
N VAL B 56 10.61 20.10 6.00
CA VAL B 56 10.25 19.07 6.96
C VAL B 56 11.21 19.12 8.14
N ASP B 57 10.75 18.58 9.28
CA ASP B 57 11.60 18.32 10.43
C ASP B 57 12.22 16.95 10.38
N SER B 58 11.51 15.99 9.79
CA SER B 58 12.01 14.63 9.57
C SER B 58 11.90 14.33 8.08
N THR B 59 12.80 13.50 7.57
CA THR B 59 12.72 13.12 6.18
C THR B 59 11.66 12.04 6.01
N PRO B 60 10.65 12.24 5.18
CA PRO B 60 9.63 11.22 4.99
C PRO B 60 10.18 10.02 4.24
N PRO B 61 9.55 8.85 4.38
CA PRO B 61 10.06 7.62 3.72
C PRO B 61 10.14 7.78 2.22
N PRO B 62 10.88 6.91 1.52
CA PRO B 62 10.87 6.96 0.05
C PRO B 62 9.48 6.61 -0.48
N GLY B 63 9.22 7.04 -1.72
CA GLY B 63 7.91 6.90 -2.33
C GLY B 63 6.87 7.88 -1.85
N THR B 64 7.23 8.81 -0.98
CA THR B 64 6.34 9.89 -0.61
C THR B 64 6.19 10.81 -1.82
N ARG B 65 5.00 11.37 -1.98
CA ARG B 65 4.67 12.18 -3.14
C ARG B 65 4.04 13.50 -2.71
N VAL B 66 4.03 14.48 -3.61
CA VAL B 66 3.63 15.86 -3.29
C VAL B 66 2.59 16.31 -4.31
N ARG B 67 1.38 16.61 -3.85
CA ARG B 67 0.27 16.95 -4.73
C ARG B 67 -0.12 18.42 -4.57
N ALA B 68 -0.52 19.03 -5.70
CA ALA B 68 -0.95 20.42 -5.76
C ALA B 68 -2.33 20.51 -6.39
N MET B 69 -3.20 21.30 -5.78
CA MET B 69 -4.57 21.32 -6.27
C MET B 69 -5.13 22.71 -5.99
N ALA B 70 -5.99 23.17 -6.90
CA ALA B 70 -6.62 24.47 -6.82
C ALA B 70 -8.12 24.31 -6.61
N ILE B 71 -8.65 25.04 -5.65
CA ILE B 71 -10.07 25.18 -5.42
C ILE B 71 -10.35 26.67 -5.30
N TYR B 72 -11.61 27.05 -5.44
CA TYR B 72 -11.99 28.44 -5.27
C TYR B 72 -12.14 28.78 -3.78
N LYS B 73 -11.75 30.00 -3.41
CA LYS B 73 -11.69 30.39 -2.01
C LYS B 73 -13.07 30.73 -1.46
N GLN B 74 -13.90 31.36 -2.29
CA GLN B 74 -15.24 31.76 -1.84
C GLN B 74 -16.16 30.56 -1.74
N SER B 75 -16.93 30.50 -0.65
CA SER B 75 -17.79 29.35 -0.37
C SER B 75 -18.76 29.02 -1.50
N GLN B 76 -19.38 30.04 -2.09
CA GLN B 76 -20.34 29.93 -3.18
C GLN B 76 -19.73 29.47 -4.51
N HIS B 77 -18.43 29.19 -4.59
CA HIS B 77 -17.84 28.70 -5.82
C HIS B 77 -17.06 27.40 -5.63
N MET B 78 -17.02 26.87 -4.39
CA MET B 78 -16.08 25.80 -4.08
C MET B 78 -16.38 24.52 -4.85
N THR B 79 -17.66 24.18 -5.03
CA THR B 79 -17.94 22.93 -5.73
C THR B 79 -17.39 22.95 -7.15
N GLU B 80 -17.24 24.14 -7.75
CA GLU B 80 -16.77 24.21 -9.12
C GLU B 80 -15.28 23.91 -9.21
N VAL B 81 -14.94 22.96 -10.08
CA VAL B 81 -13.56 22.59 -10.35
C VAL B 81 -12.83 23.77 -10.96
N VAL B 82 -11.61 24.02 -10.50
CA VAL B 82 -10.77 25.05 -11.09
C VAL B 82 -10.06 24.49 -12.30
N ARG B 83 -10.08 25.25 -13.39
CA ARG B 83 -9.79 24.72 -14.71
C ARG B 83 -9.43 25.90 -15.60
N ARG B 84 -8.71 25.61 -16.68
CA ARG B 84 -8.36 26.68 -17.60
C ARG B 84 -9.61 27.21 -18.29
N CYS B 85 -9.45 28.36 -18.93
CA CYS B 85 -10.48 28.96 -19.75
C CYS B 85 -10.45 28.37 -21.16
N PRO B 86 -11.56 28.43 -21.88
CA PRO B 86 -11.61 27.77 -23.19
C PRO B 86 -10.53 28.21 -24.18
N HIS B 87 -10.24 29.51 -24.24
CA HIS B 87 -9.12 29.99 -25.06
C HIS B 87 -7.83 29.24 -24.74
N HIS B 88 -7.40 29.31 -23.48
CA HIS B 88 -6.09 28.78 -23.08
C HIS B 88 -6.05 27.26 -23.13
N GLU B 89 -7.20 26.59 -23.01
CA GLU B 89 -7.24 25.14 -23.11
C GLU B 89 -6.87 24.66 -24.52
N ARG B 90 -7.23 25.40 -25.56
CA ARG B 90 -6.87 25.06 -26.93
C ARG B 90 -5.77 25.98 -27.47
N CYS B 91 -5.04 26.63 -26.58
CA CYS B 91 -3.70 27.15 -26.83
C CYS B 91 -2.76 25.99 -27.23
N SER B 92 -1.73 26.32 -28.01
CA SER B 92 -0.76 25.29 -28.41
C SER B 92 0.44 25.20 -27.46
N ASP B 93 0.22 25.32 -26.15
CA ASP B 93 1.30 25.44 -25.16
C ASP B 93 1.61 24.12 -24.44
N SER B 94 1.14 22.99 -24.97
CA SER B 94 1.37 21.69 -24.37
C SER B 94 2.85 21.43 -24.10
N ASP B 95 3.16 21.13 -22.84
CA ASP B 95 4.50 20.73 -22.43
C ASP B 95 4.79 19.25 -22.71
N GLY B 96 3.91 18.58 -23.45
CA GLY B 96 4.12 17.20 -23.81
C GLY B 96 3.69 16.20 -22.79
N LEU B 97 3.25 16.64 -21.60
CA LEU B 97 2.74 15.70 -20.61
C LEU B 97 1.51 16.21 -19.87
N ALA B 98 1.25 17.50 -19.79
CA ALA B 98 0.13 18.04 -19.03
C ALA B 98 -1.18 17.95 -19.82
N PRO B 99 -2.28 17.56 -19.19
CA PRO B 99 -3.57 17.64 -19.86
C PRO B 99 -3.87 19.08 -20.22
N PRO B 100 -4.59 19.32 -21.31
CA PRO B 100 -4.76 20.71 -21.78
C PRO B 100 -5.53 21.58 -20.81
N GLN B 101 -6.26 21.00 -19.86
CA GLN B 101 -7.18 21.75 -19.03
C GLN B 101 -6.63 22.12 -17.66
N HIS B 102 -5.59 21.42 -17.18
CA HIS B 102 -5.10 21.65 -15.82
C HIS B 102 -4.48 23.03 -15.68
N LEU B 103 -4.84 23.73 -14.60
CA LEU B 103 -4.27 25.05 -14.35
C LEU B 103 -2.81 24.94 -13.94
N ILE B 104 -2.49 23.94 -13.11
CA ILE B 104 -1.22 23.85 -12.41
C ILE B 104 -0.33 22.79 -13.08
N ARG B 105 0.87 23.18 -13.48
CA ARG B 105 1.86 22.26 -14.01
C ARG B 105 3.08 22.28 -13.11
N VAL B 106 3.90 21.24 -13.25
CA VAL B 106 5.26 21.22 -12.73
C VAL B 106 6.18 21.21 -13.93
N GLU B 107 7.12 22.14 -13.97
CA GLU B 107 8.15 22.15 -15.00
C GLU B 107 9.43 21.52 -14.46
N GLY B 108 10.23 20.97 -15.37
CA GLY B 108 11.52 20.39 -15.01
C GLY B 108 11.43 19.13 -14.16
N ASN B 109 10.41 18.30 -14.37
CA ASN B 109 10.31 17.05 -13.62
C ASN B 109 9.60 16.04 -14.51
N LEU B 110 10.38 15.14 -15.11
CA LEU B 110 9.86 14.08 -15.97
C LEU B 110 9.11 13.01 -15.19
N ARG B 111 9.26 12.96 -13.86
CA ARG B 111 8.41 12.11 -13.03
C ARG B 111 7.08 12.80 -12.62
N VAL B 112 6.63 13.82 -13.36
CA VAL B 112 5.34 14.47 -13.08
C VAL B 112 4.20 13.53 -13.46
N GLU B 113 3.10 13.58 -12.71
CA GLU B 113 1.94 12.73 -12.96
C GLU B 113 0.66 13.51 -12.71
N TYR B 114 -0.30 13.35 -13.62
CA TYR B 114 -1.47 14.22 -13.62
C TYR B 114 -2.73 13.39 -13.36
N LEU B 115 -3.65 13.93 -12.58
CA LEU B 115 -4.84 13.17 -12.17
C LEU B 115 -6.12 13.91 -12.55
N ASP B 116 -6.97 13.24 -13.32
CA ASP B 116 -8.36 13.63 -13.52
C ASP B 116 -9.18 12.69 -12.66
N ASP B 117 -9.60 13.15 -11.49
CA ASP B 117 -10.28 12.27 -10.54
C ASP B 117 -11.61 11.77 -11.11
N ARG B 118 -11.73 10.43 -11.21
CA ARG B 118 -12.92 9.79 -11.77
C ARG B 118 -14.21 10.23 -11.08
N ASN B 119 -14.14 10.55 -9.79
CA ASN B 119 -15.31 10.96 -9.02
C ASN B 119 -15.30 12.46 -8.74
N THR B 120 -14.41 12.96 -7.88
CA THR B 120 -14.48 14.36 -7.49
C THR B 120 -14.47 15.32 -8.70
N PHE B 121 -13.89 14.90 -9.84
CA PHE B 121 -13.71 15.71 -11.05
C PHE B 121 -12.60 16.74 -10.91
N ARG B 122 -11.86 16.74 -9.81
CA ARG B 122 -10.82 17.74 -9.62
C ARG B 122 -9.54 17.35 -10.36
N HIS B 123 -8.79 18.37 -10.79
CA HIS B 123 -7.46 18.18 -11.35
C HIS B 123 -6.42 18.23 -10.25
N SER B 124 -5.33 17.52 -10.46
CA SER B 124 -4.17 17.64 -9.58
C SER B 124 -2.94 17.15 -10.34
N VAL B 125 -1.77 17.59 -9.83
CA VAL B 125 -0.45 17.27 -10.36
C VAL B 125 0.44 16.84 -9.21
N VAL B 126 1.32 15.85 -9.45
CA VAL B 126 2.04 15.14 -8.39
C VAL B 126 3.47 14.82 -8.82
N VAL B 127 4.41 15.01 -7.91
CA VAL B 127 5.82 14.66 -8.13
C VAL B 127 6.27 13.85 -6.93
N PRO B 128 7.30 13.04 -7.10
CA PRO B 128 7.86 12.33 -5.94
C PRO B 128 8.55 13.30 -5.00
N TYR B 129 8.49 12.98 -3.70
CA TYR B 129 9.23 13.74 -2.72
C TYR B 129 10.70 13.34 -2.80
N GLU B 130 11.56 14.33 -3.00
CA GLU B 130 12.98 14.14 -2.85
C GLU B 130 13.49 14.97 -1.69
N PRO B 131 14.33 14.40 -0.83
CA PRO B 131 14.92 15.16 0.26
C PRO B 131 15.79 16.27 -0.31
N PRO B 132 16.07 17.32 0.48
CA PRO B 132 16.77 18.48 -0.08
C PRO B 132 18.17 18.12 -0.57
N GLU B 133 18.56 18.81 -1.64
CA GLU B 133 19.89 18.70 -2.21
C GLU B 133 20.99 19.05 -1.20
N VAL B 134 22.26 18.88 -1.60
CA VAL B 134 23.40 19.16 -0.73
C VAL B 134 23.43 20.64 -0.37
N GLY B 135 23.56 20.93 0.91
CA GLY B 135 23.62 22.31 1.35
C GLY B 135 22.29 23.04 1.39
N SER B 136 21.29 22.53 0.69
CA SER B 136 19.95 23.11 0.74
C SER B 136 19.21 22.50 1.93
N ASP B 137 18.47 23.36 2.63
CA ASP B 137 17.67 22.93 3.78
C ASP B 137 16.20 22.75 3.42
N CYS B 138 15.87 22.68 2.13
CA CYS B 138 14.48 22.49 1.77
C CYS B 138 14.42 21.95 0.36
N THR B 139 13.25 21.45 -0.01
CA THR B 139 12.99 20.94 -1.34
C THR B 139 12.16 21.95 -2.11
N THR B 140 12.53 22.20 -3.37
CA THR B 140 11.83 23.17 -4.21
C THR B 140 11.14 22.49 -5.38
N ILE B 141 9.90 22.89 -5.63
CA ILE B 141 9.13 22.45 -6.80
C ILE B 141 8.78 23.68 -7.60
N HIS B 142 9.15 23.70 -8.88
CA HIS B 142 8.86 24.81 -9.77
C HIS B 142 7.47 24.64 -10.38
N TYR B 143 6.49 25.42 -9.92
CA TYR B 143 5.12 25.32 -10.43
C TYR B 143 4.86 26.35 -11.53
N ASN B 144 3.99 26.00 -12.46
CA ASN B 144 3.47 26.93 -13.48
C ASN B 144 1.95 26.98 -13.36
N TYR B 145 1.39 28.19 -13.45
CA TYR B 145 -0.06 28.38 -13.54
C TYR B 145 -0.37 28.89 -14.93
N MET B 146 -1.32 28.23 -15.62
CA MET B 146 -1.43 28.40 -17.07
C MET B 146 -2.66 29.20 -17.49
N CYS B 147 -3.24 29.97 -16.57
CA CYS B 147 -4.38 30.82 -16.88
C CYS B 147 -4.36 32.00 -15.91
N ASN B 148 -4.70 33.20 -16.41
CA ASN B 148 -4.78 34.40 -15.56
C ASN B 148 -6.03 34.37 -14.68
N SER B 149 -5.89 34.86 -13.44
CA SER B 149 -7.05 35.04 -12.57
C SER B 149 -8.11 35.93 -13.19
N SER B 150 -7.75 36.68 -14.25
CA SER B 150 -8.64 37.60 -14.93
C SER B 150 -9.42 36.94 -16.07
N CYS B 151 -9.10 35.71 -16.41
CA CYS B 151 -9.67 35.10 -17.59
C CYS B 151 -11.15 34.82 -17.42
N MET B 152 -11.96 35.38 -18.32
CA MET B 152 -13.33 34.93 -18.46
C MET B 152 -13.37 33.55 -19.12
N GLY B 153 -14.52 32.88 -19.00
CA GLY B 153 -14.56 31.47 -19.31
C GLY B 153 -13.84 30.58 -18.32
N GLY B 154 -13.14 31.15 -17.33
CA GLY B 154 -12.45 30.38 -16.30
C GLY B 154 -12.54 30.95 -14.90
N MET B 155 -11.41 31.33 -14.31
CA MET B 155 -11.40 31.85 -12.93
C MET B 155 -12.18 33.16 -12.80
N ASN B 156 -12.20 33.98 -13.84
CA ASN B 156 -13.13 35.09 -13.92
C ASN B 156 -13.06 35.96 -12.67
N ARG B 157 -11.83 36.34 -12.30
CA ARG B 157 -11.55 37.24 -11.18
C ARG B 157 -11.98 36.67 -9.81
N ARG B 158 -12.09 35.33 -9.69
CA ARG B 158 -12.42 34.66 -8.44
C ARG B 158 -11.14 34.15 -7.76
N PRO B 159 -10.87 34.49 -6.50
CA PRO B 159 -9.63 34.05 -5.87
C PRO B 159 -9.58 32.53 -5.71
N ILE B 160 -8.39 31.95 -5.88
CA ILE B 160 -8.25 30.51 -5.68
C ILE B 160 -7.17 30.25 -4.63
N LEU B 161 -7.24 29.07 -4.04
CA LEU B 161 -6.19 28.56 -3.19
C LEU B 161 -5.45 27.44 -3.91
N THR B 162 -4.19 27.23 -3.54
CA THR B 162 -3.52 26.00 -3.91
C THR B 162 -3.28 25.19 -2.64
N ILE B 163 -3.65 23.91 -2.70
CA ILE B 163 -3.49 23.01 -1.58
C ILE B 163 -2.38 22.03 -1.92
N ILE B 164 -1.27 22.10 -1.16
CA ILE B 164 -0.17 21.16 -1.27
C ILE B 164 -0.31 20.17 -0.13
N THR B 165 -0.39 18.88 -0.49
CA THR B 165 -0.50 17.80 0.46
C THR B 165 0.65 16.83 0.24
N LEU B 166 1.29 16.41 1.33
CA LEU B 166 2.27 15.33 1.32
C LEU B 166 1.57 14.01 1.67
N GLU B 167 1.84 12.96 0.90
CA GLU B 167 1.20 11.66 1.09
C GLU B 167 2.20 10.54 0.97
N ASP B 168 1.90 9.41 1.59
CA ASP B 168 2.79 8.27 1.40
C ASP B 168 2.42 7.55 0.12
N SER B 169 3.26 6.58 -0.25
CA SER B 169 3.08 5.90 -1.53
C SER B 169 1.74 5.17 -1.62
N SER B 170 1.10 4.88 -0.49
CA SER B 170 -0.21 4.27 -0.49
C SER B 170 -1.35 5.29 -0.52
N GLY B 171 -1.05 6.59 -0.47
CA GLY B 171 -2.08 7.61 -0.54
C GLY B 171 -2.48 8.21 0.78
N ASN B 172 -1.93 7.72 1.89
CA ASN B 172 -2.29 8.28 3.18
C ASN B 172 -1.77 9.70 3.32
N LEU B 173 -2.55 10.58 3.92
CA LEU B 173 -2.13 11.95 4.12
C LEU B 173 -0.97 12.01 5.12
N LEU B 174 -0.04 12.93 4.88
CA LEU B 174 1.06 13.15 5.81
C LEU B 174 1.23 14.60 6.22
N GLY B 175 0.59 15.52 5.52
CA GLY B 175 0.81 16.92 5.76
C GLY B 175 -0.03 17.67 4.76
N ARG B 176 -0.52 18.85 5.15
CA ARG B 176 -1.24 19.73 4.25
C ARG B 176 -0.93 21.17 4.65
N ASN B 177 -0.70 22.03 3.65
CA ASN B 177 -0.56 23.47 3.81
C ASN B 177 -1.30 24.11 2.63
N SER B 178 -1.38 25.45 2.60
CA SER B 178 -2.14 26.05 1.51
C SER B 178 -1.80 27.53 1.42
N PHE B 179 -2.18 28.12 0.28
CA PHE B 179 -1.96 29.53 0.05
C PHE B 179 -2.83 30.03 -1.08
N GLU B 180 -3.16 31.31 -1.02
CA GLU B 180 -3.90 31.94 -2.09
C GLU B 180 -2.96 32.24 -3.25
N VAL B 181 -3.55 32.38 -4.44
CA VAL B 181 -2.78 32.59 -5.65
C VAL B 181 -3.47 33.64 -6.50
N ARG B 182 -2.71 34.65 -6.92
CA ARG B 182 -3.16 35.57 -7.96
C ARG B 182 -2.24 35.38 -9.16
N VAL B 183 -2.83 35.06 -10.30
CA VAL B 183 -2.07 34.93 -11.53
C VAL B 183 -2.31 36.20 -12.32
N CYS B 184 -1.30 37.07 -12.36
CA CYS B 184 -1.45 38.38 -12.98
C CYS B 184 -0.33 38.71 -13.95
N ALA B 185 -0.29 39.97 -14.39
CA ALA B 185 0.73 40.45 -15.31
C ALA B 185 1.87 41.18 -14.60
N CYS B 186 1.63 41.74 -13.42
CA CYS B 186 2.67 42.43 -12.66
C CYS B 186 2.58 41.99 -11.21
N PRO B 187 3.12 40.81 -10.87
CA PRO B 187 3.11 40.40 -9.46
C PRO B 187 3.76 41.38 -8.53
N GLY B 188 4.89 41.93 -8.92
CA GLY B 188 5.47 43.05 -8.20
C GLY B 188 4.44 44.11 -7.85
N ARG B 189 3.86 44.73 -8.89
CA ARG B 189 2.91 45.83 -8.69
C ARG B 189 1.68 45.39 -7.91
N ASP B 190 1.09 44.25 -8.29
CA ASP B 190 -0.16 43.86 -7.66
C ASP B 190 0.06 43.42 -6.21
N ARG B 191 1.23 42.88 -5.88
CA ARG B 191 1.46 42.56 -4.47
C ARG B 191 1.49 43.83 -3.63
N ARG B 192 2.12 44.90 -4.13
CA ARG B 192 2.15 46.17 -3.41
C ARG B 192 0.74 46.70 -3.16
N THR B 193 -0.06 46.85 -4.23
CA THR B 193 -1.44 47.31 -4.12
C THR B 193 -2.21 46.54 -3.05
N GLU B 194 -2.16 45.20 -3.13
CA GLU B 194 -2.95 44.41 -2.18
C GLU B 194 -2.49 44.65 -0.74
N GLU B 195 -1.18 44.61 -0.50
CA GLU B 195 -0.70 44.89 0.84
C GLU B 195 -0.98 46.33 1.25
N GLU B 196 -1.17 47.23 0.28
CA GLU B 196 -1.53 48.61 0.61
C GLU B 196 -2.85 48.66 1.36
N ASN B 197 -3.76 47.72 1.05
CA ASN B 197 -5.07 47.68 1.68
C ASN B 197 -5.02 47.07 3.08
N LEU B 198 -4.03 46.22 3.35
CA LEU B 198 -3.80 45.77 4.73
C LEU B 198 -3.26 46.96 5.50
N ARG B 199 -4.19 47.83 5.92
CA ARG B 199 -3.96 49.20 6.37
C ARG B 199 -3.84 50.14 5.17
N PRO C 1 6.21 -43.99 2.70
CA PRO C 1 7.56 -44.58 2.66
C PRO C 1 8.67 -43.52 2.44
N LEU C 2 9.55 -43.75 1.46
CA LEU C 2 10.66 -42.85 1.17
C LEU C 2 10.46 -42.23 -0.21
N SER C 3 10.47 -40.89 -0.23
CA SER C 3 10.42 -40.13 -1.47
C SER C 3 11.79 -40.19 -2.16
N SER C 4 11.81 -39.75 -3.42
CA SER C 4 13.08 -39.69 -4.14
C SER C 4 13.58 -38.26 -4.33
N SER C 5 12.76 -37.27 -4.00
CA SER C 5 13.10 -35.86 -4.15
C SER C 5 12.79 -35.17 -2.84
N VAL C 6 13.30 -33.94 -2.66
CA VAL C 6 12.92 -33.11 -1.55
C VAL C 6 12.43 -31.76 -2.05
N PRO C 7 11.15 -31.40 -1.81
CA PRO C 7 10.57 -30.24 -2.48
C PRO C 7 11.21 -28.96 -2.02
N SER C 8 11.28 -27.99 -2.93
CA SER C 8 11.91 -26.71 -2.61
C SER C 8 11.25 -26.09 -1.38
N GLN C 9 12.08 -25.73 -0.41
CA GLN C 9 11.56 -25.02 0.76
C GLN C 9 11.90 -23.53 0.69
N LYS C 10 12.12 -23.02 -0.51
CA LYS C 10 12.70 -21.71 -0.72
C LYS C 10 11.61 -20.64 -0.72
N THR C 11 11.74 -19.65 0.17
CA THR C 11 10.82 -18.53 0.15
C THR C 11 10.87 -17.81 -1.20
N TYR C 12 9.69 -17.45 -1.71
CA TYR C 12 9.59 -16.82 -3.03
C TYR C 12 8.28 -16.03 -3.05
N GLN C 13 8.38 -14.71 -2.88
CA GLN C 13 7.16 -13.91 -2.80
C GLN C 13 6.46 -13.80 -4.14
N GLY C 14 7.18 -13.97 -5.25
CA GLY C 14 6.54 -14.03 -6.55
C GLY C 14 6.02 -12.69 -7.00
N SER C 15 5.39 -12.71 -8.18
CA SER C 15 4.88 -11.47 -8.76
C SER C 15 3.62 -10.97 -8.07
N TYR C 16 3.07 -11.72 -7.12
CA TYR C 16 1.91 -11.26 -6.38
C TYR C 16 2.26 -10.77 -4.98
N GLY C 17 3.51 -10.96 -4.55
CA GLY C 17 3.94 -10.47 -3.25
C GLY C 17 3.28 -11.24 -2.13
N PHE C 18 3.62 -12.52 -2.02
CA PHE C 18 2.86 -13.45 -1.20
C PHE C 18 3.65 -13.77 0.07
N ARG C 19 3.12 -13.36 1.23
CA ARG C 19 3.77 -13.65 2.51
C ARG C 19 2.75 -14.24 3.50
N LEU C 20 3.27 -14.89 4.54
CA LEU C 20 2.43 -15.53 5.57
C LEU C 20 2.26 -14.64 6.79
N GLY C 21 1.04 -14.64 7.35
CA GLY C 21 0.75 -13.99 8.60
C GLY C 21 0.20 -14.97 9.63
N PHE C 22 0.20 -14.52 10.89
CA PHE C 22 -0.16 -15.35 12.03
C PHE C 22 -0.84 -14.50 13.08
N LEU C 23 -1.77 -15.11 13.81
CA LEU C 23 -2.37 -14.46 14.97
C LEU C 23 -1.29 -14.13 16.00
N HIS C 24 -1.42 -12.96 16.61
CA HIS C 24 -0.53 -12.56 17.70
C HIS C 24 -1.25 -12.91 19.01
N SER C 25 -1.02 -14.12 19.52
CA SER C 25 -1.88 -14.69 20.55
C SER C 25 -1.24 -14.78 21.94
N GLY C 26 0.05 -14.59 22.07
CA GLY C 26 0.62 -14.73 23.40
C GLY C 26 0.84 -16.18 23.75
N THR C 27 1.24 -16.39 25.01
CA THR C 27 1.60 -17.73 25.49
C THR C 27 0.89 -18.08 26.79
N ALA C 28 -0.24 -17.44 27.07
CA ALA C 28 -1.06 -17.87 28.21
C ALA C 28 -1.47 -19.33 28.02
N LYS C 29 -1.65 -20.02 29.16
CA LYS C 29 -2.08 -21.42 29.13
C LYS C 29 -3.28 -21.62 28.22
N SER C 30 -4.15 -20.60 28.13
CA SER C 30 -5.39 -20.65 27.37
C SER C 30 -5.19 -20.97 25.88
N VAL C 31 -4.04 -20.64 25.31
CA VAL C 31 -3.94 -20.54 23.85
C VAL C 31 -3.65 -21.92 23.25
N THR C 32 -4.48 -22.31 22.29
CA THR C 32 -4.34 -23.58 21.60
C THR C 32 -3.38 -23.47 20.42
N CYS C 33 -3.04 -22.25 20.01
CA CYS C 33 -2.25 -22.03 18.81
C CYS C 33 -1.53 -20.70 18.95
N THR C 34 -0.20 -20.75 18.92
CA THR C 34 0.58 -19.53 18.96
C THR C 34 1.86 -19.71 18.15
N TYR C 35 2.24 -18.66 17.44
CA TYR C 35 3.39 -18.62 16.56
C TYR C 35 4.46 -17.70 17.13
N SER C 36 5.72 -18.14 16.99
CA SER C 36 6.88 -17.42 17.49
C SER C 36 7.51 -16.65 16.36
N PRO C 37 7.53 -15.32 16.38
CA PRO C 37 8.28 -14.59 15.35
C PRO C 37 9.77 -14.91 15.39
N ALA C 38 10.35 -15.03 16.60
CA ALA C 38 11.79 -15.24 16.71
C ALA C 38 12.20 -16.55 16.05
N LEU C 39 11.53 -17.64 16.42
CA LEU C 39 11.88 -18.96 15.89
C LEU C 39 11.29 -19.22 14.50
N ASN C 40 10.34 -18.40 14.04
CA ASN C 40 9.47 -18.68 12.89
C ASN C 40 8.76 -20.03 13.04
N LYS C 41 8.07 -20.19 14.16
CA LYS C 41 7.63 -21.51 14.58
C LYS C 41 6.21 -21.41 15.12
N MET C 42 5.31 -22.14 14.50
CA MET C 42 3.96 -22.25 15.00
C MET C 42 3.89 -23.38 16.02
N PHE C 43 3.30 -23.09 17.17
CA PHE C 43 3.05 -24.07 18.21
C PHE C 43 1.55 -24.23 18.31
N CYS C 44 1.04 -25.44 18.08
CA CYS C 44 -0.39 -25.61 18.24
C CYS C 44 -0.72 -27.05 18.61
N GLN C 45 -2.01 -27.31 18.79
CA GLN C 45 -2.47 -28.50 19.46
C GLN C 45 -3.16 -29.40 18.45
N LEU C 46 -2.95 -30.71 18.60
CA LEU C 46 -3.60 -31.73 17.77
C LEU C 46 -5.09 -31.46 17.57
N ALA C 47 -5.50 -31.25 16.32
CA ALA C 47 -6.90 -31.05 15.88
C ALA C 47 -7.52 -29.74 16.38
N LYS C 48 -6.75 -28.88 17.04
CA LYS C 48 -7.20 -27.52 17.25
C LYS C 48 -6.92 -26.69 16.00
N THR C 49 -7.58 -25.53 15.92
CA THR C 49 -7.45 -24.66 14.76
C THR C 49 -6.13 -23.93 14.82
N CYS C 50 -5.30 -24.10 13.80
CA CYS C 50 -4.08 -23.30 13.63
C CYS C 50 -4.31 -22.32 12.48
N PRO C 51 -4.64 -21.06 12.75
CA PRO C 51 -4.92 -20.13 11.65
C PRO C 51 -3.63 -19.72 10.95
N VAL C 52 -3.71 -19.57 9.63
CA VAL C 52 -2.61 -19.09 8.80
C VAL C 52 -3.17 -18.10 7.79
N GLN C 53 -2.66 -16.89 7.81
CA GLN C 53 -3.14 -15.85 6.93
C GLN C 53 -2.31 -15.79 5.65
N LEU C 54 -2.98 -15.55 4.53
CA LEU C 54 -2.31 -15.44 3.23
C LEU C 54 -2.35 -13.98 2.82
N TRP C 55 -1.19 -13.37 2.72
CA TRP C 55 -1.07 -11.95 2.44
C TRP C 55 -0.44 -11.74 1.06
N VAL C 56 -1.14 -10.99 0.22
CA VAL C 56 -0.68 -10.65 -1.12
C VAL C 56 -0.62 -9.12 -1.24
N ASP C 57 0.22 -8.67 -2.17
CA ASP C 57 0.21 -7.26 -2.57
C ASP C 57 -0.77 -7.00 -3.71
N SER C 58 -1.00 -7.99 -4.57
CA SER C 58 -1.96 -7.94 -5.66
C SER C 58 -2.67 -9.28 -5.74
N THR C 59 -3.85 -9.31 -6.35
CA THR C 59 -4.68 -10.51 -6.28
C THR C 59 -4.33 -11.48 -7.40
N PRO C 60 -3.97 -12.72 -7.08
CA PRO C 60 -3.81 -13.77 -8.09
C PRO C 60 -5.08 -13.89 -8.93
N PRO C 61 -4.98 -14.39 -10.15
CA PRO C 61 -6.17 -14.59 -10.98
C PRO C 61 -7.07 -15.64 -10.35
N PRO C 62 -8.34 -15.72 -10.77
CA PRO C 62 -9.23 -16.74 -10.20
C PRO C 62 -8.81 -18.12 -10.65
N GLY C 63 -9.18 -19.12 -9.84
CA GLY C 63 -8.67 -20.44 -10.01
C GLY C 63 -7.29 -20.65 -9.42
N THR C 64 -6.70 -19.61 -8.85
CA THR C 64 -5.51 -19.81 -8.05
C THR C 64 -5.79 -20.73 -6.87
N ARG C 65 -4.83 -21.57 -6.54
CA ARG C 65 -5.01 -22.52 -5.46
C ARG C 65 -3.91 -22.34 -4.41
N VAL C 66 -4.18 -22.87 -3.22
CA VAL C 66 -3.27 -22.81 -2.07
C VAL C 66 -3.02 -24.21 -1.56
N ARG C 67 -1.77 -24.64 -1.58
CA ARG C 67 -1.36 -25.98 -1.21
C ARG C 67 -0.53 -25.91 0.07
N ALA C 68 -0.69 -26.91 0.93
CA ALA C 68 0.13 -27.05 2.12
C ALA C 68 0.68 -28.47 2.12
N MET C 69 1.93 -28.61 2.54
CA MET C 69 2.65 -29.88 2.56
C MET C 69 3.70 -29.81 3.66
N ALA C 70 3.90 -30.90 4.38
CA ALA C 70 4.90 -30.94 5.45
C ALA C 70 6.11 -31.82 5.07
N ILE C 71 7.31 -31.38 5.45
CA ILE C 71 8.51 -32.20 5.36
C ILE C 71 9.26 -32.09 6.69
N TYR C 72 10.24 -32.98 6.88
CA TYR C 72 11.06 -32.97 8.09
C TYR C 72 12.17 -31.92 7.99
N LYS C 73 12.38 -31.17 9.07
CA LYS C 73 13.39 -30.11 9.02
C LYS C 73 14.80 -30.68 8.88
N GLN C 74 15.13 -31.73 9.62
CA GLN C 74 16.51 -32.20 9.64
C GLN C 74 16.92 -32.82 8.30
N SER C 75 18.14 -32.49 7.87
CA SER C 75 18.85 -33.15 6.78
C SER C 75 18.55 -34.65 6.64
N GLN C 76 18.78 -35.42 7.70
CA GLN C 76 18.80 -36.89 7.60
C GLN C 76 17.44 -37.50 7.34
N HIS C 77 16.36 -36.72 7.42
CA HIS C 77 15.03 -37.30 7.35
C HIS C 77 14.20 -36.69 6.24
N MET C 78 14.75 -35.74 5.49
CA MET C 78 13.96 -35.04 4.50
C MET C 78 13.25 -36.00 3.56
N THR C 79 13.92 -37.05 3.10
CA THR C 79 13.25 -37.89 2.11
C THR C 79 12.16 -38.80 2.72
N GLU C 80 11.99 -38.81 4.03
CA GLU C 80 10.87 -39.51 4.64
C GLU C 80 9.58 -38.71 4.46
N VAL C 81 8.48 -39.41 4.24
CA VAL C 81 7.20 -38.75 3.99
C VAL C 81 6.52 -38.52 5.33
N VAL C 82 6.20 -37.25 5.62
CA VAL C 82 5.44 -36.92 6.83
C VAL C 82 4.04 -37.49 6.73
N ARG C 83 3.71 -38.44 7.60
CA ARG C 83 2.40 -39.05 7.65
C ARG C 83 2.02 -39.27 9.10
N ARG C 84 0.73 -39.50 9.35
CA ARG C 84 0.27 -39.73 10.71
C ARG C 84 0.80 -41.03 11.27
N CYS C 85 0.99 -41.06 12.60
CA CYS C 85 1.45 -42.27 13.28
C CYS C 85 0.41 -43.39 13.12
N PRO C 86 0.78 -44.66 13.34
CA PRO C 86 -0.20 -45.73 13.06
C PRO C 86 -1.46 -45.60 13.91
N HIS C 87 -1.30 -45.19 15.16
CA HIS C 87 -2.44 -45.04 16.05
C HIS C 87 -3.42 -44.00 15.53
N HIS C 88 -2.93 -42.80 15.20
CA HIS C 88 -3.86 -41.76 14.76
C HIS C 88 -4.45 -42.08 13.40
N GLU C 89 -3.67 -42.74 12.54
CA GLU C 89 -4.21 -43.22 11.27
C GLU C 89 -5.48 -44.04 11.50
N ARG C 90 -5.43 -44.99 12.43
CA ARG C 90 -6.52 -45.94 12.65
C ARG C 90 -7.59 -45.42 13.59
N CYS C 91 -7.50 -44.19 14.06
CA CYS C 91 -8.52 -43.71 14.98
C CYS C 91 -9.65 -43.03 14.20
N SER C 92 -10.81 -42.95 14.84
CA SER C 92 -12.02 -42.38 14.24
C SER C 92 -12.09 -40.88 14.45
N ASP C 93 -10.99 -40.20 14.10
CA ASP C 93 -10.86 -38.75 14.03
C ASP C 93 -11.46 -38.18 12.74
N SER C 94 -12.06 -39.02 11.90
CA SER C 94 -12.39 -38.63 10.54
C SER C 94 -13.36 -37.45 10.49
N ASP C 95 -13.22 -36.64 9.44
CA ASP C 95 -14.16 -35.55 9.17
C ASP C 95 -14.95 -35.76 7.89
N GLY C 96 -14.94 -36.97 7.34
CA GLY C 96 -15.64 -37.18 6.07
C GLY C 96 -14.80 -36.83 4.86
N LEU C 97 -13.98 -35.79 4.93
CA LEU C 97 -13.27 -35.34 3.75
C LEU C 97 -11.79 -35.77 3.67
N ALA C 98 -11.09 -35.97 4.79
CA ALA C 98 -9.65 -36.08 4.60
C ALA C 98 -9.18 -37.54 4.63
N PRO C 99 -8.04 -37.83 4.00
CA PRO C 99 -7.48 -39.19 4.06
C PRO C 99 -6.86 -39.46 5.42
N PRO C 100 -7.10 -40.65 5.98
CA PRO C 100 -6.71 -40.92 7.39
C PRO C 100 -5.21 -40.85 7.66
N GLN C 101 -4.36 -40.84 6.63
CA GLN C 101 -2.93 -40.74 6.90
C GLN C 101 -2.40 -39.32 6.90
N HIS C 102 -3.15 -38.37 6.38
CA HIS C 102 -2.61 -37.03 6.20
C HIS C 102 -2.44 -36.33 7.53
N LEU C 103 -1.28 -35.70 7.71
CA LEU C 103 -1.06 -34.88 8.88
C LEU C 103 -1.90 -33.62 8.84
N ILE C 104 -1.96 -32.96 7.70
CA ILE C 104 -2.54 -31.62 7.57
C ILE C 104 -3.94 -31.72 6.99
N ARG C 105 -4.94 -31.28 7.75
CA ARG C 105 -6.28 -31.06 7.22
C ARG C 105 -6.55 -29.57 7.10
N VAL C 106 -7.49 -29.23 6.24
CA VAL C 106 -8.16 -27.93 6.28
C VAL C 106 -9.55 -28.13 6.83
N GLU C 107 -9.92 -27.33 7.83
CA GLU C 107 -11.28 -27.31 8.36
C GLU C 107 -12.04 -26.10 7.81
N GLY C 108 -13.33 -26.28 7.58
CA GLY C 108 -14.20 -25.20 7.16
C GLY C 108 -14.32 -24.98 5.66
N ASN C 109 -13.97 -25.96 4.85
CA ASN C 109 -13.96 -25.77 3.40
C ASN C 109 -14.42 -27.08 2.77
N LEU C 110 -15.58 -27.06 2.13
CA LEU C 110 -16.05 -28.24 1.43
C LEU C 110 -15.51 -28.34 0.00
N ARG C 111 -14.62 -27.41 -0.40
CA ARG C 111 -13.90 -27.50 -1.67
C ARG C 111 -12.43 -27.88 -1.46
N VAL C 112 -12.05 -28.25 -0.24
CA VAL C 112 -10.73 -28.80 0.06
C VAL C 112 -10.51 -29.99 -0.84
N GLU C 113 -9.28 -30.20 -1.27
CA GLU C 113 -8.93 -31.35 -2.08
C GLU C 113 -7.61 -31.88 -1.55
N TYR C 114 -7.51 -33.19 -1.46
CA TYR C 114 -6.30 -33.81 -0.93
C TYR C 114 -5.67 -34.68 -1.99
N LEU C 115 -4.34 -34.81 -1.93
CA LEU C 115 -3.58 -35.46 -2.98
C LEU C 115 -2.51 -36.37 -2.39
N ASP C 116 -2.43 -37.58 -2.94
CA ASP C 116 -1.33 -38.50 -2.68
C ASP C 116 -0.51 -38.52 -3.96
N ASP C 117 0.61 -37.79 -3.98
CA ASP C 117 1.40 -37.64 -5.20
C ASP C 117 1.97 -38.99 -5.63
N ARG C 118 1.59 -39.45 -6.82
CA ARG C 118 1.92 -40.81 -7.21
C ARG C 118 3.38 -41.02 -7.59
N ASN C 119 4.16 -39.94 -7.78
CA ASN C 119 5.58 -40.01 -8.12
C ASN C 119 6.50 -39.79 -6.94
N THR C 120 6.24 -38.77 -6.12
CA THR C 120 7.09 -38.47 -4.99
C THR C 120 6.55 -39.01 -3.68
N PHE C 121 5.28 -39.41 -3.63
CA PHE C 121 4.61 -40.02 -2.47
C PHE C 121 4.18 -39.02 -1.42
N ARG C 122 4.47 -37.72 -1.56
CA ARG C 122 4.16 -36.76 -0.49
C ARG C 122 2.66 -36.44 -0.40
N HIS C 123 2.17 -36.25 0.82
CA HIS C 123 0.79 -35.81 1.05
C HIS C 123 0.70 -34.29 0.94
N SER C 124 -0.43 -33.81 0.43
CA SER C 124 -0.67 -32.37 0.41
C SER C 124 -2.16 -32.11 0.42
N VAL C 125 -2.53 -30.90 0.86
CA VAL C 125 -3.93 -30.50 0.97
C VAL C 125 -4.05 -29.14 0.32
N VAL C 126 -5.10 -28.94 -0.48
CA VAL C 126 -5.19 -27.75 -1.32
C VAL C 126 -6.61 -27.20 -1.29
N VAL C 127 -6.72 -25.88 -1.26
CA VAL C 127 -7.99 -25.18 -1.32
C VAL C 127 -7.90 -24.10 -2.40
N PRO C 128 -9.04 -23.67 -2.94
CA PRO C 128 -9.05 -22.51 -3.84
C PRO C 128 -8.81 -21.22 -3.06
N TYR C 129 -7.90 -20.39 -3.57
CA TYR C 129 -7.67 -19.09 -2.97
C TYR C 129 -8.91 -18.23 -3.10
N GLU C 130 -9.26 -17.53 -2.03
CA GLU C 130 -10.33 -16.54 -2.10
C GLU C 130 -9.75 -15.20 -1.69
N PRO C 131 -10.01 -14.12 -2.42
CA PRO C 131 -9.49 -12.82 -2.00
C PRO C 131 -9.97 -12.51 -0.59
N PRO C 132 -9.34 -11.55 0.10
CA PRO C 132 -9.81 -11.20 1.45
C PRO C 132 -11.24 -10.70 1.40
N GLU C 133 -11.99 -11.01 2.46
CA GLU C 133 -13.32 -10.43 2.62
C GLU C 133 -13.19 -8.92 2.67
N VAL C 134 -14.26 -8.22 2.27
CA VAL C 134 -14.19 -6.76 2.27
C VAL C 134 -13.88 -6.28 3.68
N GLY C 135 -13.08 -5.23 3.77
CA GLY C 135 -12.64 -4.76 5.07
C GLY C 135 -11.61 -5.64 5.74
N SER C 136 -10.87 -6.45 4.97
CA SER C 136 -9.78 -7.24 5.51
C SER C 136 -8.55 -7.13 4.62
N ASP C 137 -7.39 -7.36 5.23
CA ASP C 137 -6.13 -7.37 4.52
C ASP C 137 -5.59 -8.75 4.23
N CYS C 138 -6.29 -9.81 4.60
CA CYS C 138 -5.70 -11.13 4.48
C CYS C 138 -6.79 -12.19 4.32
N THR C 139 -6.40 -13.36 3.83
CA THR C 139 -7.29 -14.52 3.79
C THR C 139 -6.80 -15.54 4.79
N THR C 140 -7.71 -16.06 5.62
CA THR C 140 -7.34 -17.01 6.64
C THR C 140 -7.77 -18.43 6.24
N ILE C 141 -6.89 -19.39 6.46
CA ILE C 141 -7.17 -20.78 6.24
C ILE C 141 -7.02 -21.46 7.59
N HIS C 142 -7.97 -22.31 7.97
CA HIS C 142 -7.91 -23.01 9.23
C HIS C 142 -7.37 -24.41 8.97
N TYR C 143 -6.12 -24.62 9.36
CA TYR C 143 -5.45 -25.91 9.32
C TYR C 143 -5.59 -26.58 10.70
N ASN C 144 -5.62 -27.91 10.68
CA ASN C 144 -5.45 -28.70 11.88
C ASN C 144 -4.25 -29.60 11.64
N TYR C 145 -3.59 -30.00 12.71
CA TYR C 145 -2.52 -30.99 12.64
C TYR C 145 -2.98 -32.18 13.48
N MET C 146 -2.98 -33.37 12.88
CA MET C 146 -3.76 -34.49 13.37
C MET C 146 -2.89 -35.57 13.99
N CYS C 147 -1.74 -35.17 14.52
CA CYS C 147 -0.72 -36.06 15.07
C CYS C 147 0.27 -35.19 15.84
N ASN C 148 0.70 -35.67 17.01
CA ASN C 148 1.59 -34.88 17.85
C ASN C 148 3.04 -35.04 17.39
N SER C 149 3.86 -34.02 17.67
CA SER C 149 5.28 -34.12 17.38
C SER C 149 5.89 -35.32 18.08
N SER C 150 5.38 -35.67 19.26
CA SER C 150 5.93 -36.74 20.06
C SER C 150 5.31 -38.10 19.76
N CYS C 151 4.59 -38.25 18.65
CA CYS C 151 3.93 -39.52 18.36
C CYS C 151 4.96 -40.52 17.89
N MET C 152 5.17 -41.58 18.66
CA MET C 152 6.06 -42.61 18.18
C MET C 152 5.38 -43.41 17.09
N GLY C 153 6.20 -43.94 16.18
CA GLY C 153 5.70 -44.47 14.94
C GLY C 153 5.39 -43.39 13.92
N GLY C 154 5.32 -42.12 14.34
CA GLY C 154 5.13 -41.00 13.45
C GLY C 154 6.32 -40.06 13.42
N MET C 155 6.05 -38.75 13.50
CA MET C 155 7.13 -37.77 13.51
C MET C 155 8.20 -38.11 14.53
N ASN C 156 7.80 -38.61 15.70
CA ASN C 156 8.76 -39.26 16.60
C ASN C 156 9.81 -38.25 17.10
N ARG C 157 9.34 -37.04 17.42
CA ARG C 157 10.10 -35.92 17.95
C ARG C 157 11.05 -35.30 16.93
N ARG C 158 10.90 -35.62 15.65
CA ARG C 158 11.70 -34.79 14.76
C ARG C 158 10.91 -33.56 14.30
N PRO C 159 11.56 -32.41 14.25
CA PRO C 159 10.89 -31.17 13.82
C PRO C 159 10.35 -31.26 12.39
N ILE C 160 9.26 -30.54 12.13
CA ILE C 160 8.72 -30.51 10.77
C ILE C 160 8.59 -29.06 10.32
N LEU C 161 8.46 -28.91 9.00
CA LEU C 161 8.12 -27.66 8.35
C LEU C 161 6.79 -27.86 7.63
N THR C 162 5.97 -26.81 7.57
CA THR C 162 4.90 -26.73 6.59
C THR C 162 5.36 -25.81 5.48
N ILE C 163 5.14 -26.21 4.24
CA ILE C 163 5.37 -25.36 3.08
C ILE C 163 4.03 -24.98 2.49
N ILE C 164 3.80 -23.70 2.29
CA ILE C 164 2.58 -23.21 1.68
C ILE C 164 2.94 -22.65 0.32
N THR C 165 2.36 -23.21 -0.71
CA THR C 165 2.63 -22.69 -2.03
C THR C 165 1.37 -22.10 -2.61
N LEU C 166 1.57 -21.11 -3.47
CA LEU C 166 0.53 -20.52 -4.27
C LEU C 166 0.70 -21.04 -5.69
N GLU C 167 -0.35 -21.64 -6.27
CA GLU C 167 -0.27 -22.17 -7.62
C GLU C 167 -1.38 -21.62 -8.50
N ASP C 168 -1.12 -21.54 -9.82
CA ASP C 168 -2.15 -21.14 -10.78
C ASP C 168 -3.09 -22.32 -11.07
N SER C 169 -4.11 -22.09 -11.91
CA SER C 169 -5.09 -23.13 -12.21
C SER C 169 -4.48 -24.42 -12.77
N SER C 170 -3.28 -24.34 -13.39
CA SER C 170 -2.65 -25.47 -14.06
C SER C 170 -1.46 -26.04 -13.32
N GLY C 171 -1.14 -25.54 -12.13
CA GLY C 171 -0.11 -26.13 -11.27
C GLY C 171 1.15 -25.31 -11.10
N ASN C 172 1.33 -24.29 -11.93
CA ASN C 172 2.55 -23.51 -11.91
C ASN C 172 2.71 -22.78 -10.59
N LEU C 173 3.95 -22.77 -10.09
CA LEU C 173 4.30 -22.03 -8.89
C LEU C 173 4.07 -20.53 -9.08
N LEU C 174 3.42 -19.90 -8.11
CA LEU C 174 3.28 -18.44 -8.09
C LEU C 174 3.91 -17.77 -6.88
N GLY C 175 4.14 -18.50 -5.78
CA GLY C 175 4.84 -17.97 -4.62
C GLY C 175 5.01 -19.09 -3.62
N ARG C 176 5.87 -18.85 -2.64
CA ARG C 176 6.05 -19.90 -1.65
C ARG C 176 6.61 -19.33 -0.36
N ASN C 177 6.08 -19.82 0.77
CA ASN C 177 6.61 -19.52 2.10
C ASN C 177 6.60 -20.81 2.89
N SER C 178 7.16 -20.77 4.09
CA SER C 178 7.19 -21.97 4.94
C SER C 178 7.39 -21.55 6.38
N PHE C 179 7.12 -22.48 7.28
CA PHE C 179 7.37 -22.29 8.70
C PHE C 179 7.50 -23.64 9.38
N GLU C 180 8.18 -23.64 10.53
CA GLU C 180 8.32 -24.83 11.36
C GLU C 180 7.06 -25.00 12.21
N VAL C 181 6.73 -26.26 12.49
CA VAL C 181 5.61 -26.57 13.36
C VAL C 181 6.06 -27.51 14.46
N ARG C 182 5.41 -27.37 15.62
CA ARG C 182 5.46 -28.36 16.69
C ARG C 182 4.05 -28.48 17.24
N VAL C 183 3.46 -29.66 17.08
CA VAL C 183 2.17 -29.97 17.68
C VAL C 183 2.43 -30.59 19.05
N CYS C 184 1.97 -29.92 20.11
CA CYS C 184 2.27 -30.33 21.48
C CYS C 184 1.00 -30.26 22.31
N ALA C 185 1.14 -30.61 23.60
CA ALA C 185 0.01 -30.54 24.52
C ALA C 185 -0.29 -29.10 24.93
N CYS C 186 0.72 -28.36 25.32
CA CYS C 186 0.53 -26.98 25.79
C CYS C 186 1.42 -26.07 24.96
N PRO C 187 0.87 -25.40 23.96
CA PRO C 187 1.70 -24.59 23.06
C PRO C 187 2.12 -23.27 23.69
N GLY C 188 1.18 -22.60 24.37
CA GLY C 188 1.52 -21.42 25.14
C GLY C 188 2.79 -21.65 25.94
N ARG C 189 2.78 -22.65 26.82
CA ARG C 189 3.91 -22.91 27.69
C ARG C 189 5.11 -23.44 26.91
N ASP C 190 4.87 -24.24 25.88
CA ASP C 190 5.98 -24.77 25.09
C ASP C 190 6.69 -23.66 24.32
N ARG C 191 5.98 -22.61 23.94
CA ARG C 191 6.64 -21.51 23.26
C ARG C 191 7.51 -20.71 24.23
N ARG C 192 6.98 -20.43 25.43
CA ARG C 192 7.78 -19.72 26.44
C ARG C 192 9.10 -20.42 26.70
N THR C 193 9.07 -21.75 26.86
CA THR C 193 10.27 -22.49 27.24
C THR C 193 11.31 -22.51 26.13
N GLU C 194 10.87 -22.48 24.87
CA GLU C 194 11.81 -22.54 23.74
C GLU C 194 12.37 -21.17 23.40
N GLU C 195 11.50 -20.16 23.30
CA GLU C 195 11.95 -18.79 23.07
C GLU C 195 12.92 -18.34 24.15
N GLU C 196 12.88 -18.98 25.33
CA GLU C 196 13.78 -18.66 26.43
C GLU C 196 15.16 -19.30 26.24
N ASN C 197 15.19 -20.53 25.72
CA ASN C 197 16.47 -21.19 25.47
C ASN C 197 17.18 -20.57 24.27
N LEU C 198 16.45 -20.29 23.18
CA LEU C 198 16.91 -19.22 22.30
C LEU C 198 17.09 -17.98 23.18
N ARG C 199 18.19 -17.26 22.97
CA ARG C 199 18.60 -16.09 23.78
C ARG C 199 19.42 -16.50 25.00
N PRO D 1 3.79 -19.62 -37.80
CA PRO D 1 5.17 -19.30 -38.17
C PRO D 1 5.55 -17.84 -37.89
N LEU D 2 6.80 -17.47 -38.12
CA LEU D 2 7.18 -16.05 -38.14
C LEU D 2 6.68 -15.39 -39.41
N SER D 3 6.35 -14.11 -39.29
CA SER D 3 5.59 -13.40 -40.31
C SER D 3 6.52 -12.75 -41.32
N SER D 4 6.19 -12.90 -42.61
CA SER D 4 6.99 -12.32 -43.69
C SER D 4 6.99 -10.81 -43.68
N SER D 5 6.08 -10.19 -42.94
CA SER D 5 5.96 -8.75 -42.95
C SER D 5 6.14 -8.20 -41.54
N VAL D 6 6.20 -6.87 -41.47
CA VAL D 6 6.14 -6.10 -40.24
C VAL D 6 5.18 -4.94 -40.46
N PRO D 7 4.19 -4.74 -39.61
CA PRO D 7 3.35 -3.55 -39.76
C PRO D 7 4.15 -2.30 -39.44
N SER D 8 3.93 -1.25 -40.21
CA SER D 8 4.49 0.03 -39.84
C SER D 8 3.83 0.52 -38.56
N GLN D 9 4.63 1.14 -37.70
CA GLN D 9 4.15 1.79 -36.50
C GLN D 9 4.24 3.30 -36.63
N LYS D 10 4.60 3.77 -37.82
CA LYS D 10 4.91 5.17 -37.99
C LYS D 10 3.65 5.98 -37.84
N THR D 11 3.71 7.01 -37.00
CA THR D 11 2.53 7.81 -36.72
C THR D 11 2.07 8.56 -37.98
N TYR D 12 0.75 8.73 -38.11
CA TYR D 12 0.17 9.36 -39.31
C TYR D 12 -1.22 9.89 -38.95
N GLN D 13 -1.35 11.21 -38.83
CA GLN D 13 -2.65 11.74 -38.44
C GLN D 13 -3.66 11.68 -39.60
N GLY D 14 -3.18 11.78 -40.85
CA GLY D 14 -4.00 11.78 -42.06
C GLY D 14 -5.08 12.86 -42.06
N SER D 15 -5.98 12.76 -43.04
CA SER D 15 -6.99 13.80 -43.27
C SER D 15 -7.79 14.13 -42.03
N TYR D 16 -8.03 13.16 -41.18
CA TYR D 16 -8.98 13.36 -40.09
C TYR D 16 -8.33 13.86 -38.79
N GLY D 17 -7.03 14.15 -38.80
CA GLY D 17 -6.37 14.62 -37.60
C GLY D 17 -6.43 13.57 -36.49
N PHE D 18 -6.11 12.35 -36.84
CA PHE D 18 -6.32 11.23 -35.95
C PHE D 18 -5.21 11.18 -34.90
N ARG D 19 -5.59 11.25 -33.63
CA ARG D 19 -4.69 11.16 -32.50
C ARG D 19 -5.29 10.21 -31.48
N LEU D 20 -4.44 9.57 -30.68
CA LEU D 20 -4.90 8.80 -29.52
C LEU D 20 -4.90 9.63 -28.25
N GLY D 21 -5.87 9.36 -27.37
CA GLY D 21 -5.92 9.98 -26.06
C GLY D 21 -6.13 8.97 -24.96
N PHE D 22 -5.78 9.36 -23.75
CA PHE D 22 -5.87 8.46 -22.60
C PHE D 22 -6.44 9.21 -21.42
N LEU D 23 -7.03 8.46 -20.49
CA LEU D 23 -7.44 9.08 -19.23
C LEU D 23 -6.20 9.35 -18.37
N HIS D 24 -6.15 10.54 -17.77
CA HIS D 24 -5.11 10.86 -16.79
C HIS D 24 -5.58 10.32 -15.42
N SER D 25 -5.19 9.10 -15.10
CA SER D 25 -5.79 8.46 -13.94
C SER D 25 -4.81 8.16 -12.82
N GLY D 26 -3.55 8.60 -12.92
CA GLY D 26 -2.63 8.46 -11.81
C GLY D 26 -2.30 7.01 -11.54
N THR D 27 -1.65 6.79 -10.39
CA THR D 27 -0.99 5.54 -10.03
C THR D 27 -1.30 5.10 -8.60
N ALA D 28 -2.54 5.24 -8.14
CA ALA D 28 -2.86 4.64 -6.84
C ALA D 28 -3.03 3.12 -6.98
N LYS D 29 -3.01 2.43 -5.84
CA LYS D 29 -3.05 0.97 -5.81
C LYS D 29 -4.25 0.42 -6.58
N SER D 30 -5.36 1.16 -6.57
CA SER D 30 -6.64 0.71 -7.11
C SER D 30 -6.79 0.92 -8.61
N VAL D 31 -5.88 1.64 -9.25
CA VAL D 31 -6.03 1.94 -10.68
C VAL D 31 -5.53 0.75 -11.48
N THR D 32 -6.36 0.26 -12.39
CA THR D 32 -5.98 -0.91 -13.20
C THR D 32 -5.48 -0.53 -14.58
N CYS D 33 -5.79 0.66 -15.07
CA CYS D 33 -5.20 1.13 -16.32
C CYS D 33 -4.73 2.56 -16.12
N THR D 34 -3.47 2.82 -16.44
CA THR D 34 -2.90 4.15 -16.31
C THR D 34 -1.85 4.36 -17.40
N TYR D 35 -1.85 5.54 -17.98
CA TYR D 35 -0.99 5.83 -19.12
C TYR D 35 0.10 6.81 -18.74
N SER D 36 1.30 6.54 -19.25
CA SER D 36 2.47 7.34 -18.95
C SER D 36 2.87 8.16 -20.19
N PRO D 37 2.61 9.47 -20.20
CA PRO D 37 3.03 10.29 -21.35
C PRO D 37 4.52 10.30 -21.58
N ALA D 38 5.35 10.29 -20.52
CA ALA D 38 6.80 10.40 -20.73
C ALA D 38 7.40 9.14 -21.34
N LEU D 39 6.81 7.97 -21.10
CA LEU D 39 7.26 6.77 -21.80
C LEU D 39 6.37 6.40 -22.98
N ASN D 40 5.19 7.04 -23.13
CA ASN D 40 4.19 6.69 -24.15
C ASN D 40 3.81 5.23 -24.02
N LYS D 41 3.49 4.85 -22.78
CA LYS D 41 3.39 3.48 -22.37
C LYS D 41 2.15 3.34 -21.52
N MET D 42 1.36 2.32 -21.83
CA MET D 42 0.17 2.02 -21.09
C MET D 42 0.47 0.87 -20.15
N PHE D 43 0.15 1.03 -18.87
CA PHE D 43 0.31 -0.04 -17.87
C PHE D 43 -1.09 -0.45 -17.45
N CYS D 44 -1.53 -1.64 -17.86
CA CYS D 44 -2.81 -2.13 -17.35
C CYS D 44 -2.69 -3.61 -16.98
N GLN D 45 -3.78 -4.12 -16.40
CA GLN D 45 -3.83 -5.43 -15.78
C GLN D 45 -4.59 -6.42 -16.64
N LEU D 46 -4.22 -7.69 -16.50
CA LEU D 46 -4.89 -8.83 -17.12
C LEU D 46 -6.40 -8.66 -17.11
N ALA D 47 -6.99 -8.68 -18.32
CA ALA D 47 -8.43 -8.65 -18.56
C ALA D 47 -9.15 -7.49 -17.87
N LYS D 48 -8.43 -6.48 -17.41
CA LYS D 48 -9.12 -5.31 -16.93
C LYS D 48 -9.37 -4.35 -18.10
N THR D 49 -10.27 -3.41 -17.87
CA THR D 49 -10.65 -2.45 -18.90
C THR D 49 -9.50 -1.47 -19.10
N CYS D 50 -8.97 -1.40 -20.32
CA CYS D 50 -7.95 -0.42 -20.68
C CYS D 50 -8.57 0.53 -21.71
N PRO D 51 -9.03 1.71 -21.30
CA PRO D 51 -9.63 2.64 -22.27
C PRO D 51 -8.59 3.21 -23.20
N VAL D 52 -9.05 3.59 -24.39
CA VAL D 52 -8.27 4.30 -25.38
C VAL D 52 -9.21 5.26 -26.08
N GLN D 53 -8.78 6.50 -26.24
CA GLN D 53 -9.59 7.52 -26.88
C GLN D 53 -9.15 7.78 -28.31
N LEU D 54 -10.14 7.87 -29.21
CA LEU D 54 -9.93 8.30 -30.58
C LEU D 54 -10.26 9.78 -30.66
N TRP D 55 -9.29 10.57 -31.08
CA TRP D 55 -9.47 12.02 -31.22
C TRP D 55 -9.26 12.39 -32.68
N VAL D 56 -10.29 13.00 -33.28
CA VAL D 56 -10.20 13.53 -34.65
C VAL D 56 -10.47 15.02 -34.63
N ASP D 57 -10.10 15.67 -35.73
CA ASP D 57 -10.49 17.05 -36.01
C ASP D 57 -11.61 17.12 -37.04
N SER D 58 -11.96 15.98 -37.63
CA SER D 58 -12.95 15.89 -38.69
C SER D 58 -13.56 14.51 -38.58
N THR D 59 -14.87 14.40 -38.79
CA THR D 59 -15.52 13.11 -38.63
C THR D 59 -15.20 12.20 -39.82
N PRO D 60 -14.59 11.05 -39.60
CA PRO D 60 -14.47 10.08 -40.69
C PRO D 60 -15.83 9.63 -41.14
N PRO D 61 -16.01 9.34 -42.43
CA PRO D 61 -17.31 8.90 -42.90
C PRO D 61 -17.73 7.62 -42.20
N PRO D 62 -19.03 7.36 -42.08
CA PRO D 62 -19.47 6.09 -41.52
C PRO D 62 -18.98 4.97 -42.42
N GLY D 63 -18.82 3.78 -41.83
CA GLY D 63 -18.10 2.70 -42.47
C GLY D 63 -16.62 2.67 -42.16
N THR D 64 -16.08 3.75 -41.63
CA THR D 64 -14.70 3.77 -41.15
C THR D 64 -14.53 2.76 -40.02
N ARG D 65 -13.34 2.17 -39.93
CA ARG D 65 -13.12 1.14 -38.91
C ARG D 65 -11.83 1.39 -38.15
N VAL D 66 -11.75 0.81 -36.96
CA VAL D 66 -10.65 1.00 -36.03
C VAL D 66 -10.05 -0.35 -35.70
N ARG D 67 -8.78 -0.53 -36.04
CA ARG D 67 -8.09 -1.78 -35.85
C ARG D 67 -6.99 -1.63 -34.81
N ALA D 68 -6.86 -2.63 -33.94
CA ALA D 68 -5.76 -2.72 -32.98
C ALA D 68 -4.92 -3.97 -33.27
N MET D 69 -3.63 -3.88 -33.03
CA MET D 69 -2.72 -4.99 -33.34
C MET D 69 -1.48 -4.79 -32.50
N ALA D 70 -0.95 -5.88 -31.95
CA ALA D 70 0.28 -5.81 -31.15
C ALA D 70 1.47 -6.41 -31.91
N ILE D 71 2.61 -5.73 -31.88
CA ILE D 71 3.87 -6.28 -32.34
C ILE D 71 4.91 -6.18 -31.22
N TYR D 72 6.02 -6.91 -31.40
CA TYR D 72 7.13 -6.86 -30.46
C TYR D 72 7.96 -5.62 -30.73
N LYS D 73 8.32 -4.90 -29.67
CA LYS D 73 9.01 -3.64 -29.87
C LYS D 73 10.41 -3.85 -30.43
N GLN D 74 11.18 -4.75 -29.82
CA GLN D 74 12.58 -4.90 -30.21
C GLN D 74 12.70 -5.44 -31.63
N SER D 75 13.64 -4.88 -32.40
CA SER D 75 13.81 -5.24 -33.81
C SER D 75 14.11 -6.72 -34.01
N GLN D 76 14.78 -7.37 -33.05
CA GLN D 76 15.14 -8.77 -33.19
C GLN D 76 13.97 -9.72 -32.98
N HIS D 77 12.86 -9.27 -32.39
CA HIS D 77 11.68 -10.10 -32.26
C HIS D 77 10.52 -9.67 -33.17
N MET D 78 10.74 -8.77 -34.13
CA MET D 78 9.59 -8.13 -34.78
C MET D 78 8.84 -9.07 -35.73
N THR D 79 9.52 -10.05 -36.31
CA THR D 79 8.89 -10.96 -37.24
C THR D 79 7.96 -11.93 -36.54
N GLU D 80 8.12 -12.09 -35.24
CA GLU D 80 7.34 -13.02 -34.45
C GLU D 80 5.98 -12.41 -34.13
N VAL D 81 4.92 -13.19 -34.28
CA VAL D 81 3.59 -12.63 -34.04
C VAL D 81 3.28 -12.76 -32.56
N VAL D 82 2.76 -11.67 -31.99
CA VAL D 82 2.38 -11.64 -30.59
C VAL D 82 1.08 -12.43 -30.44
N ARG D 83 1.04 -13.29 -29.44
CA ARG D 83 -0.09 -14.16 -29.23
C ARG D 83 -0.05 -14.65 -27.78
N ARG D 84 -1.17 -15.21 -27.33
CA ARG D 84 -1.24 -15.59 -25.93
C ARG D 84 -0.30 -16.76 -25.64
N CYS D 85 -0.06 -16.98 -24.35
CA CYS D 85 0.72 -18.09 -23.85
C CYS D 85 -0.10 -19.36 -24.03
N PRO D 86 0.48 -20.53 -23.76
CA PRO D 86 -0.35 -21.75 -23.83
C PRO D 86 -1.38 -21.84 -22.71
N HIS D 87 -1.00 -21.47 -21.48
CA HIS D 87 -1.95 -21.51 -20.37
C HIS D 87 -3.19 -20.68 -20.68
N HIS D 88 -3.00 -19.43 -21.10
CA HIS D 88 -4.15 -18.57 -21.33
C HIS D 88 -4.91 -18.92 -22.60
N GLU D 89 -4.21 -19.35 -23.66
CA GLU D 89 -4.88 -19.80 -24.88
C GLU D 89 -5.85 -20.93 -24.58
N ARG D 90 -5.59 -21.71 -23.54
CA ARG D 90 -6.33 -22.94 -23.30
C ARG D 90 -7.26 -22.87 -22.11
N CYS D 91 -7.30 -21.75 -21.38
CA CYS D 91 -8.23 -21.65 -20.28
C CYS D 91 -9.63 -21.36 -20.81
N SER D 92 -10.58 -21.18 -19.89
CA SER D 92 -11.98 -20.93 -20.26
C SER D 92 -12.29 -19.48 -19.92
N ASP D 93 -11.95 -18.58 -20.85
CA ASP D 93 -12.23 -17.15 -20.69
C ASP D 93 -12.86 -16.53 -21.94
N SER D 94 -13.24 -17.36 -22.91
CA SER D 94 -13.66 -16.92 -24.24
C SER D 94 -14.63 -15.74 -24.17
N ASP D 95 -14.24 -14.62 -24.79
CA ASP D 95 -15.06 -13.41 -24.87
C ASP D 95 -16.34 -13.68 -25.66
N GLY D 96 -16.90 -14.88 -25.53
CA GLY D 96 -18.03 -15.28 -26.34
C GLY D 96 -17.78 -15.20 -27.84
N LEU D 97 -16.87 -14.32 -28.26
CA LEU D 97 -16.59 -14.06 -29.67
C LEU D 97 -15.10 -14.02 -30.01
N ALA D 98 -14.17 -14.15 -28.98
CA ALA D 98 -12.80 -13.90 -29.43
C ALA D 98 -12.04 -15.21 -29.64
N PRO D 99 -11.12 -15.26 -30.60
CA PRO D 99 -10.28 -16.45 -30.74
C PRO D 99 -9.46 -16.66 -29.48
N PRO D 100 -9.22 -17.92 -29.08
CA PRO D 100 -8.49 -18.16 -27.83
C PRO D 100 -7.05 -17.66 -27.87
N GLN D 101 -6.51 -17.38 -29.05
CA GLN D 101 -5.10 -17.04 -29.13
C GLN D 101 -4.83 -15.54 -29.19
N HIS D 102 -5.85 -14.73 -29.44
CA HIS D 102 -5.64 -13.30 -29.60
C HIS D 102 -5.25 -12.67 -28.27
N LEU D 103 -4.24 -11.80 -28.30
CA LEU D 103 -3.90 -11.05 -27.11
C LEU D 103 -4.91 -9.94 -26.87
N ILE D 104 -5.20 -9.14 -27.88
CA ILE D 104 -5.99 -7.94 -27.68
C ILE D 104 -7.44 -8.21 -28.02
N ARG D 105 -8.34 -7.62 -27.24
CA ARG D 105 -9.76 -7.94 -27.23
C ARG D 105 -10.52 -6.64 -27.02
N VAL D 106 -11.62 -6.45 -27.75
CA VAL D 106 -12.54 -5.37 -27.41
C VAL D 106 -13.58 -5.95 -26.48
N GLU D 107 -13.91 -5.21 -25.44
CA GLU D 107 -14.95 -5.60 -24.51
C GLU D 107 -16.21 -4.81 -24.80
N GLY D 108 -17.36 -5.47 -24.72
CA GLY D 108 -18.67 -4.84 -24.79
C GLY D 108 -18.96 -4.12 -26.10
N ASN D 109 -18.77 -4.82 -27.22
CA ASN D 109 -19.04 -4.30 -28.56
C ASN D 109 -19.39 -5.51 -29.40
N LEU D 110 -20.68 -5.68 -29.69
CA LEU D 110 -21.13 -6.82 -30.46
C LEU D 110 -20.73 -6.70 -31.92
N ARG D 111 -20.27 -5.53 -32.37
CA ARG D 111 -19.80 -5.35 -33.74
C ARG D 111 -18.30 -5.63 -33.91
N VAL D 112 -17.65 -6.17 -32.87
CA VAL D 112 -16.24 -6.51 -32.93
C VAL D 112 -15.97 -7.61 -33.97
N GLU D 113 -14.81 -7.54 -34.61
CA GLU D 113 -14.46 -8.50 -35.65
C GLU D 113 -13.00 -8.87 -35.49
N TYR D 114 -12.69 -10.16 -35.56
CA TYR D 114 -11.33 -10.62 -35.33
C TYR D 114 -10.76 -11.19 -36.62
N LEU D 115 -9.47 -10.98 -36.83
CA LEU D 115 -8.83 -11.34 -38.09
C LEU D 115 -7.54 -12.11 -37.82
N ASP D 116 -7.48 -13.33 -38.32
CA ASP D 116 -6.25 -14.09 -38.43
C ASP D 116 -5.81 -13.91 -39.88
N ASP D 117 -4.82 -13.04 -40.10
CA ASP D 117 -4.43 -12.65 -41.45
C ASP D 117 -3.73 -13.83 -42.15
N ARG D 118 -4.35 -14.38 -43.20
CA ARG D 118 -3.84 -15.61 -43.79
C ARG D 118 -2.43 -15.49 -44.33
N ASN D 119 -1.96 -14.29 -44.67
CA ASN D 119 -0.66 -14.09 -45.30
C ASN D 119 0.40 -13.56 -44.35
N THR D 120 0.05 -12.57 -43.52
CA THR D 120 0.97 -12.01 -42.55
C THR D 120 0.99 -12.79 -41.23
N PHE D 121 -0.03 -13.60 -40.95
CA PHE D 121 -0.19 -14.42 -39.73
C PHE D 121 -0.46 -13.59 -38.48
N ARG D 122 -0.64 -12.27 -38.58
CA ARG D 122 -0.87 -11.42 -37.41
C ARG D 122 -2.33 -11.41 -36.97
N HIS D 123 -2.54 -11.23 -35.65
CA HIS D 123 -3.85 -11.08 -35.05
C HIS D 123 -4.24 -9.61 -34.93
N SER D 124 -5.51 -9.33 -35.22
CA SER D 124 -6.03 -7.97 -35.10
C SER D 124 -7.50 -8.02 -34.74
N VAL D 125 -7.96 -6.94 -34.10
CA VAL D 125 -9.32 -6.71 -33.62
C VAL D 125 -9.82 -5.47 -34.31
N VAL D 126 -11.13 -5.41 -34.59
CA VAL D 126 -11.69 -4.26 -35.31
C VAL D 126 -13.13 -3.98 -34.88
N VAL D 127 -13.42 -2.70 -34.67
CA VAL D 127 -14.78 -2.21 -34.42
C VAL D 127 -15.05 -1.08 -35.41
N PRO D 128 -16.32 -0.77 -35.68
CA PRO D 128 -16.63 0.43 -36.46
C PRO D 128 -16.24 1.67 -35.67
N TYR D 129 -15.99 2.77 -36.40
CA TYR D 129 -15.81 4.05 -35.75
C TYR D 129 -17.19 4.66 -35.49
N GLU D 130 -17.50 4.94 -34.21
CA GLU D 130 -18.66 5.73 -33.81
C GLU D 130 -18.21 7.14 -33.45
N PRO D 131 -18.79 8.17 -34.04
CA PRO D 131 -18.37 9.54 -33.72
C PRO D 131 -18.60 9.81 -32.24
N PRO D 132 -17.98 10.84 -31.69
CA PRO D 132 -18.14 11.12 -30.27
C PRO D 132 -19.60 11.34 -29.90
N GLU D 133 -19.99 10.75 -28.78
CA GLU D 133 -21.34 10.87 -28.29
C GLU D 133 -21.55 12.24 -27.64
N VAL D 134 -22.81 12.53 -27.29
CA VAL D 134 -23.24 13.87 -26.88
C VAL D 134 -22.30 14.45 -25.84
N GLY D 135 -21.88 15.69 -26.08
CA GLY D 135 -21.04 16.37 -25.11
C GLY D 135 -19.66 15.76 -24.89
N SER D 136 -19.23 14.86 -25.77
CA SER D 136 -17.91 14.27 -25.66
C SER D 136 -17.06 14.67 -26.86
N ASP D 137 -15.77 14.86 -26.60
CA ASP D 137 -14.81 15.28 -27.61
C ASP D 137 -14.02 14.11 -28.13
N CYS D 138 -14.42 12.89 -27.80
CA CYS D 138 -13.61 11.74 -28.13
C CYS D 138 -14.50 10.51 -28.14
N THR D 139 -14.06 9.49 -28.86
CA THR D 139 -14.66 8.15 -28.88
C THR D 139 -13.83 7.25 -27.99
N THR D 140 -14.48 6.37 -27.22
CA THR D 140 -13.74 5.50 -26.33
C THR D 140 -13.95 4.03 -26.69
N ILE D 141 -12.86 3.29 -26.78
CA ILE D 141 -12.88 1.85 -26.95
C ILE D 141 -12.31 1.21 -25.69
N HIS D 142 -12.97 0.18 -25.23
CA HIS D 142 -12.55 -0.53 -24.03
C HIS D 142 -11.88 -1.82 -24.47
N TYR D 143 -10.56 -1.88 -24.29
CA TYR D 143 -9.71 -3.00 -24.68
C TYR D 143 -9.32 -3.81 -23.45
N ASN D 144 -9.08 -5.12 -23.67
CA ASN D 144 -8.56 -6.04 -22.67
C ASN D 144 -7.35 -6.74 -23.27
N TYR D 145 -6.35 -6.96 -22.44
CA TYR D 145 -5.13 -7.65 -22.82
C TYR D 145 -5.13 -8.96 -22.07
N MET D 146 -5.04 -10.07 -22.79
CA MET D 146 -5.42 -11.34 -22.21
C MET D 146 -4.21 -12.18 -21.79
N CYS D 147 -3.06 -11.55 -21.63
CA CYS D 147 -1.93 -12.24 -21.04
C CYS D 147 -0.90 -11.24 -20.54
N ASN D 148 -0.13 -11.68 -19.54
CA ASN D 148 0.88 -10.85 -18.90
C ASN D 148 2.11 -10.72 -19.80
N SER D 149 2.68 -9.51 -19.83
CA SER D 149 3.99 -9.31 -20.44
C SER D 149 4.99 -10.34 -19.95
N SER D 150 4.84 -10.78 -18.70
CA SER D 150 5.82 -11.65 -18.07
C SER D 150 5.51 -13.14 -18.21
N CYS D 151 4.56 -13.51 -19.05
CA CYS D 151 4.23 -14.92 -19.23
C CYS D 151 5.31 -15.67 -20.01
N MET D 152 5.81 -16.76 -19.43
CA MET D 152 6.53 -17.75 -20.22
C MET D 152 5.56 -18.44 -21.17
N GLY D 153 6.01 -18.67 -22.40
CA GLY D 153 5.15 -19.23 -23.43
C GLY D 153 4.46 -18.20 -24.30
N GLY D 154 4.75 -16.92 -24.10
CA GLY D 154 4.23 -15.85 -24.93
C GLY D 154 5.21 -14.71 -24.94
N MET D 155 4.73 -13.49 -24.64
CA MET D 155 5.57 -12.30 -24.74
C MET D 155 6.91 -12.44 -23.98
N ASN D 156 6.90 -13.14 -22.85
CA ASN D 156 8.11 -13.50 -22.11
C ASN D 156 8.99 -12.29 -21.80
N ARG D 157 8.34 -11.26 -21.25
CA ARG D 157 8.99 -10.05 -20.74
C ARG D 157 9.65 -9.24 -21.85
N ARG D 158 9.24 -9.50 -23.10
CA ARG D 158 9.62 -8.68 -24.23
C ARG D 158 8.56 -7.61 -24.44
N PRO D 159 8.93 -6.33 -24.53
CA PRO D 159 7.91 -5.28 -24.64
C PRO D 159 7.15 -5.35 -25.95
N ILE D 160 5.85 -5.04 -25.89
CA ILE D 160 5.07 -4.96 -27.11
C ILE D 160 4.51 -3.55 -27.25
N LEU D 161 4.31 -3.14 -28.50
CA LEU D 161 3.49 -1.98 -28.84
C LEU D 161 2.14 -2.43 -29.33
N THR D 162 1.13 -1.57 -29.17
CA THR D 162 -0.16 -1.76 -29.82
C THR D 162 -0.27 -0.71 -30.92
N ILE D 163 -0.68 -1.12 -32.10
CA ILE D 163 -0.81 -0.21 -33.22
C ILE D 163 -2.29 -0.04 -33.49
N ILE D 164 -2.76 1.21 -33.46
CA ILE D 164 -4.15 1.54 -33.79
C ILE D 164 -4.15 2.24 -35.14
N THR D 165 -4.92 1.72 -36.07
CA THR D 165 -5.04 2.37 -37.36
C THR D 165 -6.51 2.62 -37.64
N LEU D 166 -6.74 3.63 -38.46
CA LEU D 166 -8.07 4.00 -38.94
C LEU D 166 -8.13 3.74 -40.44
N GLU D 167 -9.23 3.10 -40.87
CA GLU D 167 -9.40 2.65 -42.24
C GLU D 167 -10.78 3.07 -42.75
N ASP D 168 -10.89 3.29 -44.07
CA ASP D 168 -12.23 3.43 -44.62
C ASP D 168 -12.84 2.04 -44.79
N SER D 169 -14.06 2.00 -45.33
CA SER D 169 -14.77 0.73 -45.45
C SER D 169 -14.06 -0.26 -46.37
N SER D 170 -13.22 0.22 -47.28
CA SER D 170 -12.56 -0.63 -48.25
C SER D 170 -11.11 -0.91 -47.91
N GLY D 171 -10.67 -0.63 -46.69
CA GLY D 171 -9.35 -1.01 -46.23
C GLY D 171 -8.31 0.10 -46.20
N ASN D 172 -8.56 1.23 -46.87
CA ASN D 172 -7.54 2.28 -46.98
C ASN D 172 -7.17 2.85 -45.62
N LEU D 173 -5.88 2.97 -45.38
CA LEU D 173 -5.37 3.70 -44.22
C LEU D 173 -5.85 5.15 -44.20
N LEU D 174 -6.30 5.60 -43.02
CA LEU D 174 -6.62 7.00 -42.77
C LEU D 174 -5.80 7.62 -41.67
N GLY D 175 -5.27 6.82 -40.74
CA GLY D 175 -4.50 7.33 -39.63
C GLY D 175 -3.83 6.18 -38.91
N ARG D 176 -2.71 6.44 -38.24
CA ARG D 176 -2.02 5.42 -37.46
C ARG D 176 -1.38 6.09 -36.25
N ASN D 177 -1.53 5.47 -35.07
CA ASN D 177 -0.80 5.83 -33.87
C ASN D 177 -0.44 4.56 -33.14
N SER D 178 0.45 4.66 -32.17
CA SER D 178 0.87 3.44 -31.50
C SER D 178 1.23 3.79 -30.07
N PHE D 179 1.26 2.78 -29.22
CA PHE D 179 1.77 2.99 -27.86
C PHE D 179 2.31 1.68 -27.32
N GLU D 180 3.27 1.80 -26.41
CA GLU D 180 3.82 0.66 -25.73
C GLU D 180 2.86 0.23 -24.62
N VAL D 181 2.83 -1.06 -24.35
CA VAL D 181 1.94 -1.56 -23.31
C VAL D 181 2.69 -2.55 -22.43
N ARG D 182 2.39 -2.51 -21.15
CA ARG D 182 2.82 -3.52 -20.20
C ARG D 182 1.59 -4.04 -19.48
N VAL D 183 1.36 -5.33 -19.55
CA VAL D 183 0.30 -5.96 -18.79
C VAL D 183 0.94 -6.52 -17.53
N CYS D 184 0.60 -5.95 -16.37
CA CYS D 184 1.34 -6.21 -15.16
C CYS D 184 0.40 -6.48 -14.00
N ALA D 185 1.00 -6.79 -12.85
CA ALA D 185 0.22 -7.11 -11.67
C ALA D 185 -0.37 -5.86 -11.05
N CYS D 186 0.46 -4.84 -10.83
CA CYS D 186 -0.01 -3.59 -10.24
C CYS D 186 0.51 -2.45 -11.11
N PRO D 187 -0.32 -1.90 -12.00
CA PRO D 187 0.19 -0.95 -13.01
C PRO D 187 0.48 0.43 -12.45
N GLY D 188 -0.21 0.82 -11.38
CA GLY D 188 0.19 2.05 -10.71
C GLY D 188 1.63 1.99 -10.24
N ARG D 189 2.02 0.87 -9.63
CA ARG D 189 3.37 0.74 -9.09
C ARG D 189 4.40 0.62 -10.22
N ASP D 190 4.14 -0.24 -11.20
CA ASP D 190 5.09 -0.40 -12.29
C ASP D 190 5.30 0.90 -13.05
N ARG D 191 4.24 1.70 -13.19
CA ARG D 191 4.41 2.99 -13.87
C ARG D 191 5.39 3.87 -13.12
N ARG D 192 5.17 4.07 -11.81
CA ARG D 192 6.08 4.88 -11.01
C ARG D 192 7.51 4.39 -11.14
N THR D 193 7.73 3.09 -11.02
CA THR D 193 9.08 2.55 -11.08
C THR D 193 9.72 2.84 -12.43
N GLU D 194 9.00 2.65 -13.52
CA GLU D 194 9.64 2.78 -14.82
C GLU D 194 9.85 4.25 -15.17
N GLU D 195 9.08 5.16 -14.59
CA GLU D 195 9.32 6.58 -14.83
C GLU D 195 10.45 7.12 -13.96
N GLU D 196 10.68 6.51 -12.80
CA GLU D 196 11.86 6.79 -12.01
C GLU D 196 13.13 6.56 -12.82
N ASN D 197 13.20 5.42 -13.51
CA ASN D 197 14.33 5.03 -14.33
C ASN D 197 14.70 6.08 -15.36
N LEU D 198 15.60 5.72 -16.29
CA LEU D 198 16.33 6.64 -17.16
C LEU D 198 17.58 7.19 -16.44
N ARG D 199 17.65 7.05 -15.11
CA ARG D 199 18.83 7.42 -14.30
C ARG D 199 20.05 6.58 -14.71
N GLU E 1 -15.47 7.47 -17.53
CA GLU E 1 -15.27 6.04 -17.35
C GLU E 1 -16.23 5.47 -16.31
N ILE E 2 -16.19 6.04 -15.10
CA ILE E 2 -17.06 5.62 -14.01
C ILE E 2 -17.40 6.85 -13.17
N GLY E 3 -17.79 6.61 -11.92
CA GLY E 3 -17.60 7.56 -10.84
C GLY E 3 -18.46 8.80 -10.80
N ALA E 4 -18.94 9.26 -11.97
CA ALA E 4 -19.94 10.32 -12.00
C ALA E 4 -21.11 10.00 -11.07
N GLN E 5 -21.65 8.77 -11.20
CA GLN E 5 -22.85 8.38 -10.47
C GLN E 5 -22.52 7.92 -9.06
N LEU E 6 -21.36 7.31 -8.86
CA LEU E 6 -20.91 7.03 -7.50
C LEU E 6 -20.35 8.30 -6.81
N ARG E 7 -21.00 9.43 -7.12
CA ARG E 7 -21.18 10.61 -6.26
C ARG E 7 -22.62 11.07 -6.28
N ARG E 8 -23.52 10.26 -6.81
CA ARG E 8 -24.90 10.16 -6.39
C ARG E 8 -25.16 8.84 -5.66
N MET E 9 -24.25 7.87 -5.81
CA MET E 9 -24.40 6.48 -5.34
C MET E 9 -23.46 6.15 -4.19
N ALA E 10 -22.16 6.40 -4.32
CA ALA E 10 -21.20 5.90 -3.34
C ALA E 10 -20.46 7.00 -2.57
N ASP E 11 -20.54 8.28 -3.01
CA ASP E 11 -19.81 9.30 -2.28
C ASP E 11 -20.68 10.44 -1.73
N ASP E 12 -22.05 10.32 -1.79
CA ASP E 12 -22.71 11.14 -0.76
C ASP E 12 -22.54 10.51 0.67
N LEU E 13 -21.57 9.59 0.65
CA LEU E 13 -20.51 9.48 1.64
C LEU E 13 -20.11 10.83 2.21
N ASN E 14 -20.24 11.88 1.39
CA ASN E 14 -19.72 13.22 1.67
C ASN E 14 -20.62 14.30 1.06
N ALA E 15 -20.34 15.57 1.41
CA ALA E 15 -21.04 16.71 0.83
C ALA E 15 -20.26 18.00 0.94
ZN ZN F . 1.79 7.32 12.58
ZN ZN G . -6.93 32.10 -19.62
ZN ZN H . 0.52 -39.68 16.19
ZN ZN I . -0.07 -16.03 -20.48
#